data_4Z16
#
_entry.id   4Z16
#
_cell.length_a   57.625
_cell.length_b   68.207
_cell.length_c   93.130
_cell.angle_alpha   92.64
_cell.angle_beta   93.06
_cell.angle_gamma   86.20
#
_symmetry.space_group_name_H-M   'P 1'
#
loop_
_entity.id
_entity.type
_entity.pdbx_description
1 polymer 'Tyrosine-protein kinase JAK3'
2 non-polymer N-(3-{[(5-chloro-2-{[2-methoxy-4-(4-methylpiperazin-1-yl)phenyl]amino}pyrimidin-4-yl)amino]methyl}phenyl)prop-2-enamide
3 water water
#
_entity_poly.entity_id   1
_entity_poly.type   'polypeptide(L)'
_entity_poly.pdbx_seq_one_letter_code
;GSCQDPTIFEERHLKYISQLGKGNFGSVELCRYDPLGDNTGALVAVKQLQHSGPDQQRDFQREIQILKALHSDFIVKYRG
VSYGPGRPELRLVMEYLPSGCLRDFLQRHRARLDASRLLLYSSQICKGMEYLGSRRCVHRDLAARNILVESEAHVKIADF
GLAKLLPLDKD(PTR)(PTR)VVREPGQSPIFWYAPESLSDNIFSRQSDVWSFGVVLYELFTYCDKSCSPSAEFLRMMGC
ERDVPALCRLLELLEEGQRLPAPPACPAEVHELMKLCWAPSPQDRPSFSALGPQLDMLWSGSRGCETHAFTAHPEGKHHS
LSFS
;
_entity_poly.pdbx_strand_id   A,B,C,D
#
# COMPACT_ATOMS: atom_id res chain seq x y z
N PRO A 6 -6.22 -21.62 15.22
CA PRO A 6 -6.23 -22.56 14.09
C PRO A 6 -5.28 -22.17 12.95
N THR A 7 -4.98 -23.12 12.05
CA THR A 7 -4.12 -22.89 10.88
C THR A 7 -4.88 -22.06 9.81
N ILE A 8 -6.23 -22.18 9.80
CA ILE A 8 -7.13 -21.47 8.90
C ILE A 8 -7.99 -20.49 9.70
N PHE A 9 -7.93 -19.20 9.32
CA PHE A 9 -8.66 -18.10 9.95
C PHE A 9 -9.87 -17.77 9.10
N GLU A 10 -11.08 -18.00 9.64
CA GLU A 10 -12.34 -17.74 8.96
C GLU A 10 -12.53 -16.23 8.79
N GLU A 11 -12.64 -15.79 7.52
CA GLU A 11 -12.77 -14.40 7.06
C GLU A 11 -13.82 -13.57 7.82
N ARG A 12 -15.05 -14.09 7.97
CA ARG A 12 -16.17 -13.41 8.65
C ARG A 12 -15.87 -13.00 10.11
N HIS A 13 -14.90 -13.69 10.77
CA HIS A 13 -14.50 -13.42 12.16
C HIS A 13 -13.31 -12.44 12.30
N LEU A 14 -12.88 -11.78 11.21
CA LEU A 14 -11.78 -10.82 11.23
C LEU A 14 -12.25 -9.36 11.19
N LYS A 15 -12.33 -8.71 12.36
CA LYS A 15 -12.77 -7.33 12.50
C LYS A 15 -11.58 -6.38 12.22
N TYR A 16 -11.74 -5.46 11.25
CA TYR A 16 -10.71 -4.47 10.90
C TYR A 16 -10.61 -3.41 11.99
N ILE A 17 -9.38 -2.99 12.32
CA ILE A 17 -9.15 -1.96 13.33
C ILE A 17 -8.42 -0.77 12.73
N SER A 18 -7.23 -0.98 12.15
CA SER A 18 -6.44 0.09 11.56
C SER A 18 -5.48 -0.44 10.51
N GLN A 19 -4.80 0.47 9.79
CA GLN A 19 -3.81 0.16 8.77
C GLN A 19 -2.41 0.20 9.42
N LEU A 20 -1.63 -0.89 9.27
CA LEU A 20 -0.27 -0.99 9.82
C LEU A 20 0.78 -0.66 8.75
N GLY A 21 0.41 -0.83 7.49
CA GLY A 21 1.28 -0.58 6.34
C GLY A 21 0.59 -0.66 5.00
N LYS A 22 1.18 0.00 3.99
CA LYS A 22 0.67 0.03 2.63
C LYS A 22 1.84 0.08 1.65
N GLY A 23 2.07 -1.02 0.95
CA GLY A 23 3.10 -1.13 -0.08
C GLY A 23 2.56 -0.73 -1.45
N ASN A 24 3.41 -0.78 -2.50
CA ASN A 24 2.99 -0.43 -3.87
C ASN A 24 1.83 -1.35 -4.31
N PHE A 25 1.96 -2.64 -3.96
CA PHE A 25 0.98 -3.70 -4.18
C PHE A 25 0.81 -4.41 -2.84
N GLY A 26 -0.41 -4.40 -2.31
CA GLY A 26 -0.70 -5.04 -1.04
C GLY A 26 -0.47 -4.20 0.20
N SER A 27 -1.28 -4.45 1.23
CA SER A 27 -1.26 -3.76 2.53
C SER A 27 -1.32 -4.70 3.72
N VAL A 28 -1.00 -4.19 4.92
CA VAL A 28 -1.06 -4.91 6.20
C VAL A 28 -2.02 -4.16 7.13
N GLU A 29 -2.95 -4.88 7.76
CA GLU A 29 -3.93 -4.24 8.64
C GLU A 29 -4.14 -4.98 9.95
N LEU A 30 -4.38 -4.20 11.03
CA LEU A 30 -4.64 -4.69 12.38
C LEU A 30 -6.07 -5.22 12.43
N CYS A 31 -6.21 -6.49 12.79
CA CYS A 31 -7.50 -7.17 12.91
C CYS A 31 -7.63 -7.91 14.22
N ARG A 32 -8.85 -8.00 14.73
CA ARG A 32 -9.15 -8.76 15.93
C ARG A 32 -9.92 -9.99 15.45
N TYR A 33 -9.27 -11.16 15.47
CA TYR A 33 -9.93 -12.40 15.06
C TYR A 33 -10.74 -12.89 16.26
N ASP A 34 -12.05 -12.64 16.21
CA ASP A 34 -12.97 -13.01 17.28
C ASP A 34 -14.17 -13.80 16.75
N PRO A 35 -14.11 -15.16 16.82
CA PRO A 35 -15.25 -15.97 16.35
C PRO A 35 -16.46 -15.97 17.29
N LEU A 36 -16.25 -15.77 18.61
CA LEU A 36 -17.32 -15.75 19.60
C LEU A 36 -18.25 -14.54 19.48
N GLY A 37 -17.71 -13.41 19.01
CA GLY A 37 -18.45 -12.16 18.83
C GLY A 37 -18.53 -11.31 20.10
N ASP A 38 -17.90 -11.78 21.19
CA ASP A 38 -17.85 -11.16 22.52
C ASP A 38 -16.74 -10.10 22.70
N ASN A 39 -16.00 -9.77 21.62
CA ASN A 39 -14.88 -8.79 21.59
C ASN A 39 -13.73 -9.18 22.58
N THR A 40 -13.32 -10.48 22.56
CA THR A 40 -12.24 -11.01 23.41
C THR A 40 -11.11 -11.65 22.57
N GLY A 41 -11.30 -11.65 21.25
CA GLY A 41 -10.37 -12.23 20.28
C GLY A 41 -8.98 -11.61 20.26
N ALA A 42 -8.01 -12.38 19.74
CA ALA A 42 -6.62 -11.97 19.63
C ALA A 42 -6.40 -10.98 18.49
N LEU A 43 -5.42 -10.08 18.68
CA LEU A 43 -5.06 -9.09 17.67
C LEU A 43 -3.99 -9.69 16.76
N VAL A 44 -4.27 -9.69 15.46
CA VAL A 44 -3.37 -10.24 14.43
C VAL A 44 -3.12 -9.24 13.32
N ALA A 45 -1.95 -9.32 12.68
CA ALA A 45 -1.59 -8.50 11.53
C ALA A 45 -1.98 -9.30 10.28
N VAL A 46 -2.82 -8.71 9.41
CA VAL A 46 -3.32 -9.40 8.21
C VAL A 46 -2.85 -8.73 6.93
N LYS A 47 -2.13 -9.49 6.08
CA LYS A 47 -1.60 -9.03 4.81
C LYS A 47 -2.45 -9.53 3.64
N GLN A 48 -2.82 -8.60 2.75
CA GLN A 48 -3.62 -8.87 1.55
C GLN A 48 -3.04 -8.09 0.38
N LEU A 49 -3.35 -8.53 -0.85
CA LEU A 49 -2.86 -7.91 -2.07
C LEU A 49 -3.94 -7.01 -2.67
N GLN A 50 -3.55 -5.79 -3.04
CA GLN A 50 -4.50 -4.83 -3.62
C GLN A 50 -4.63 -4.98 -5.11
N HIS A 51 -4.03 -4.06 -5.89
CA HIS A 51 -4.11 -4.07 -7.35
C HIS A 51 -3.52 -5.36 -7.91
N SER A 52 -2.29 -5.71 -7.46
CA SER A 52 -1.55 -6.93 -7.80
C SER A 52 -1.55 -7.32 -9.29
N GLY A 53 -1.12 -8.56 -9.55
CA GLY A 53 -1.04 -9.15 -10.87
C GLY A 53 -0.49 -10.56 -10.78
N PRO A 54 -0.33 -11.31 -11.90
CA PRO A 54 0.19 -12.68 -11.80
C PRO A 54 1.50 -12.81 -11.02
N ASP A 55 2.48 -11.92 -11.29
CA ASP A 55 3.80 -11.88 -10.65
C ASP A 55 3.73 -11.69 -9.13
N GLN A 56 2.91 -10.73 -8.67
CA GLN A 56 2.71 -10.38 -7.27
C GLN A 56 1.98 -11.46 -6.50
N GLN A 57 0.98 -12.11 -7.12
CA GLN A 57 0.18 -13.17 -6.53
C GLN A 57 1.02 -14.41 -6.27
N ARG A 58 1.92 -14.74 -7.21
CA ARG A 58 2.83 -15.88 -7.11
C ARG A 58 3.93 -15.62 -6.08
N ASP A 59 4.44 -14.37 -6.00
CA ASP A 59 5.46 -13.97 -5.03
C ASP A 59 4.90 -13.93 -3.61
N PHE A 60 3.58 -13.61 -3.47
CA PHE A 60 2.89 -13.59 -2.18
C PHE A 60 2.68 -15.01 -1.68
N GLN A 61 2.31 -15.92 -2.60
CA GLN A 61 2.10 -17.35 -2.37
C GLN A 61 3.42 -17.98 -1.84
N ARG A 62 4.58 -17.57 -2.43
CA ARG A 62 5.95 -17.96 -2.09
C ARG A 62 6.25 -17.47 -0.67
N GLU A 63 6.03 -16.15 -0.41
CA GLU A 63 6.23 -15.47 0.89
C GLU A 63 5.53 -16.21 2.02
N ILE A 64 4.24 -16.56 1.85
CA ILE A 64 3.45 -17.31 2.83
C ILE A 64 4.14 -18.62 3.22
N GLN A 65 4.58 -19.40 2.22
CA GLN A 65 5.26 -20.69 2.43
C GLN A 65 6.56 -20.56 3.17
N ILE A 66 7.36 -19.52 2.85
CA ILE A 66 8.65 -19.23 3.48
C ILE A 66 8.41 -18.88 4.94
N LEU A 67 7.51 -17.90 5.22
CA LEU A 67 7.19 -17.49 6.57
C LEU A 67 6.66 -18.65 7.44
N LYS A 68 5.79 -19.51 6.85
CA LYS A 68 5.21 -20.69 7.48
C LYS A 68 6.30 -21.68 7.97
N ALA A 69 7.41 -21.81 7.20
CA ALA A 69 8.50 -22.73 7.51
C ALA A 69 9.57 -22.19 8.44
N LEU A 70 9.58 -20.87 8.71
CA LEU A 70 10.59 -20.28 9.59
C LEU A 70 10.11 -20.22 11.03
N HIS A 71 10.90 -20.83 11.94
CA HIS A 71 10.60 -20.89 13.39
C HIS A 71 11.79 -20.36 14.20
N SER A 72 11.79 -19.05 14.43
CA SER A 72 12.80 -18.34 15.19
C SER A 72 12.14 -17.28 16.06
N ASP A 73 12.67 -17.09 17.28
CA ASP A 73 12.19 -16.08 18.22
C ASP A 73 12.47 -14.65 17.70
N PHE A 74 13.26 -14.54 16.61
CA PHE A 74 13.68 -13.25 16.05
C PHE A 74 13.20 -13.03 14.62
N ILE A 75 12.17 -13.81 14.20
CA ILE A 75 11.51 -13.74 12.90
C ILE A 75 10.01 -13.74 13.19
N VAL A 76 9.28 -12.71 12.66
CA VAL A 76 7.84 -12.53 12.84
C VAL A 76 7.08 -13.85 12.58
N LYS A 77 6.22 -14.24 13.54
CA LYS A 77 5.47 -15.48 13.57
C LYS A 77 4.31 -15.51 12.62
N TYR A 78 4.28 -16.56 11.79
CA TYR A 78 3.18 -16.87 10.88
C TYR A 78 2.09 -17.46 11.77
N ARG A 79 0.85 -16.99 11.62
CA ARG A 79 -0.26 -17.51 12.40
C ARG A 79 -1.11 -18.47 11.55
N GLY A 80 -1.43 -18.05 10.33
CA GLY A 80 -2.23 -18.84 9.40
C GLY A 80 -2.62 -18.09 8.16
N VAL A 81 -3.70 -18.55 7.49
CA VAL A 81 -4.24 -17.93 6.25
C VAL A 81 -5.75 -17.73 6.32
N SER A 82 -6.27 -16.82 5.49
CA SER A 82 -7.69 -16.53 5.35
C SER A 82 -8.05 -16.50 3.86
N TYR A 83 -8.99 -17.36 3.43
CA TYR A 83 -9.43 -17.47 2.04
C TYR A 83 -10.72 -16.69 1.82
N GLU A 89 -9.08 -14.94 -2.78
CA GLU A 89 -8.89 -13.75 -1.95
C GLU A 89 -8.03 -14.08 -0.71
N LEU A 90 -6.81 -14.60 -0.96
CA LEU A 90 -5.85 -15.01 0.08
C LEU A 90 -5.35 -13.87 0.93
N ARG A 91 -5.26 -14.15 2.24
CA ARG A 91 -4.76 -13.25 3.27
C ARG A 91 -3.77 -14.01 4.15
N LEU A 92 -2.62 -13.37 4.45
CA LEU A 92 -1.56 -13.90 5.31
C LEU A 92 -1.78 -13.36 6.71
N VAL A 93 -1.97 -14.25 7.69
CA VAL A 93 -2.20 -13.87 9.08
C VAL A 93 -0.91 -14.07 9.88
N MET A 94 -0.42 -13.00 10.51
CA MET A 94 0.82 -12.99 11.28
C MET A 94 0.57 -12.44 12.70
N GLU A 95 1.55 -12.61 13.61
CA GLU A 95 1.45 -12.07 14.95
C GLU A 95 1.53 -10.54 14.90
N TYR A 96 0.97 -9.86 15.89
CA TYR A 96 0.97 -8.41 15.96
C TYR A 96 1.99 -7.91 16.97
N LEU A 97 3.03 -7.22 16.47
CA LEU A 97 4.07 -6.60 17.27
C LEU A 97 3.62 -5.16 17.55
N PRO A 98 3.19 -4.85 18.80
CA PRO A 98 2.55 -3.54 19.05
C PRO A 98 3.48 -2.35 19.24
N SER A 99 4.81 -2.54 19.25
CA SER A 99 5.72 -1.40 19.40
C SER A 99 6.18 -0.77 18.05
N GLY A 100 5.61 -1.23 16.93
CA GLY A 100 5.92 -0.71 15.60
C GLY A 100 7.24 -1.21 15.05
N CYS A 101 7.84 -0.45 14.11
CA CYS A 101 9.13 -0.81 13.51
C CYS A 101 10.32 -0.22 14.29
N LEU A 102 11.52 -0.82 14.14
CA LEU A 102 12.74 -0.42 14.83
C LEU A 102 13.22 1.00 14.48
N ARG A 103 13.08 1.44 13.19
CA ARG A 103 13.43 2.79 12.75
C ARG A 103 12.66 3.83 13.59
N ASP A 104 11.33 3.66 13.72
CA ASP A 104 10.44 4.54 14.49
C ASP A 104 10.78 4.50 15.96
N PHE A 105 10.98 3.28 16.50
CA PHE A 105 11.28 3.01 17.91
C PHE A 105 12.52 3.77 18.41
N LEU A 106 13.67 3.63 17.71
CA LEU A 106 14.95 4.30 18.05
C LEU A 106 14.83 5.82 18.04
N GLN A 107 14.21 6.38 16.99
CA GLN A 107 13.98 7.82 16.82
C GLN A 107 13.16 8.41 17.98
N ARG A 108 12.21 7.62 18.48
CA ARG A 108 11.30 7.97 19.56
C ARG A 108 11.96 7.79 20.92
N HIS A 109 12.68 6.67 21.13
CA HIS A 109 13.28 6.34 22.42
C HIS A 109 14.79 6.59 22.54
N ARG A 110 15.38 7.45 21.69
CA ARG A 110 16.80 7.78 21.67
C ARG A 110 17.38 8.16 23.04
N ALA A 111 16.65 8.98 23.81
CA ALA A 111 17.03 9.46 25.14
C ALA A 111 17.23 8.35 26.18
N ARG A 112 16.51 7.22 26.04
CA ARG A 112 16.57 6.08 26.96
C ARG A 112 17.48 4.95 26.49
N LEU A 113 17.60 4.75 25.19
CA LEU A 113 18.37 3.63 24.66
C LEU A 113 19.87 3.88 24.66
N ASP A 114 20.61 3.01 25.39
CA ASP A 114 22.07 3.05 25.50
C ASP A 114 22.70 2.02 24.59
N ALA A 115 24.04 2.08 24.44
CA ALA A 115 24.84 1.17 23.60
C ALA A 115 24.58 -0.32 23.89
N SER A 116 24.34 -0.67 25.17
CA SER A 116 24.06 -2.05 25.57
C SER A 116 22.78 -2.57 24.89
N ARG A 117 21.70 -1.76 24.87
CA ARG A 117 20.42 -2.10 24.24
C ARG A 117 20.54 -2.26 22.74
N LEU A 118 21.37 -1.40 22.09
CA LEU A 118 21.60 -1.46 20.65
C LEU A 118 22.38 -2.73 20.30
N LEU A 119 23.28 -3.17 21.20
CA LEU A 119 24.04 -4.40 21.00
C LEU A 119 23.11 -5.61 21.12
N LEU A 120 22.10 -5.51 22.01
CA LEU A 120 21.10 -6.56 22.22
C LEU A 120 20.31 -6.77 20.93
N TYR A 121 19.84 -5.66 20.30
CA TYR A 121 19.09 -5.72 19.04
C TYR A 121 19.98 -6.30 17.96
N SER A 122 21.23 -5.79 17.85
CA SER A 122 22.23 -6.25 16.89
C SER A 122 22.38 -7.78 16.94
N SER A 123 22.53 -8.33 18.16
CA SER A 123 22.65 -9.76 18.44
C SER A 123 21.41 -10.54 18.00
N GLN A 124 20.21 -10.01 18.31
CA GLN A 124 18.93 -10.64 17.99
C GLN A 124 18.70 -10.72 16.47
N ILE A 125 18.93 -9.60 15.75
CA ILE A 125 18.80 -9.51 14.30
C ILE A 125 19.79 -10.49 13.66
N CYS A 126 21.00 -10.61 14.24
CA CYS A 126 22.05 -11.54 13.79
C CYS A 126 21.61 -13.00 13.93
N LYS A 127 21.03 -13.36 15.09
CA LYS A 127 20.54 -14.72 15.36
C LYS A 127 19.46 -15.11 14.36
N GLY A 128 18.50 -14.20 14.11
CA GLY A 128 17.40 -14.39 13.16
C GLY A 128 17.90 -14.54 11.74
N MET A 129 18.89 -13.69 11.37
CA MET A 129 19.58 -13.66 10.08
C MET A 129 20.38 -14.95 9.86
N GLU A 130 20.93 -15.52 10.95
CA GLU A 130 21.69 -16.77 10.92
C GLU A 130 20.72 -17.93 10.62
N TYR A 131 19.55 -17.97 11.30
CA TYR A 131 18.53 -19.01 11.13
C TYR A 131 18.05 -19.01 9.68
N LEU A 132 17.73 -17.81 9.18
CA LEU A 132 17.29 -17.49 7.81
C LEU A 132 18.26 -18.14 6.80
N GLY A 133 19.57 -17.94 7.03
CA GLY A 133 20.63 -18.48 6.20
C GLY A 133 20.71 -19.99 6.19
N SER A 134 20.50 -20.62 7.36
CA SER A 134 20.51 -22.08 7.51
C SER A 134 19.34 -22.72 6.74
N ARG A 135 18.24 -21.96 6.58
CA ARG A 135 17.05 -22.38 5.85
C ARG A 135 17.20 -22.04 4.35
N ARG A 136 18.43 -21.64 3.95
CA ARG A 136 18.86 -21.29 2.58
C ARG A 136 18.01 -20.18 1.96
N CYS A 137 17.64 -19.21 2.81
CA CYS A 137 16.79 -18.08 2.48
C CYS A 137 17.57 -16.76 2.50
N VAL A 138 17.27 -15.87 1.53
CA VAL A 138 17.86 -14.52 1.44
C VAL A 138 16.72 -13.50 1.61
N HIS A 139 16.86 -12.59 2.59
CA HIS A 139 15.87 -11.56 2.88
C HIS A 139 15.69 -10.51 1.77
N ARG A 140 16.81 -9.99 1.23
CA ARG A 140 16.96 -8.98 0.17
C ARG A 140 16.64 -7.53 0.60
N ASP A 141 15.89 -7.33 1.71
CA ASP A 141 15.51 -5.98 2.17
C ASP A 141 15.67 -5.82 3.69
N LEU A 142 16.89 -6.05 4.17
CA LEU A 142 17.24 -5.95 5.58
C LEU A 142 17.59 -4.49 5.93
N ALA A 143 16.68 -3.82 6.64
CA ALA A 143 16.83 -2.43 7.10
C ALA A 143 16.13 -2.27 8.43
N ALA A 144 16.43 -1.18 9.16
CA ALA A 144 15.82 -0.91 10.46
C ALA A 144 14.29 -0.68 10.35
N ARG A 145 13.80 -0.28 9.17
CA ARG A 145 12.38 -0.08 8.91
C ARG A 145 11.66 -1.44 8.79
N ASN A 146 12.40 -2.52 8.44
CA ASN A 146 11.84 -3.87 8.27
C ASN A 146 12.04 -4.76 9.50
N ILE A 147 12.60 -4.19 10.57
CA ILE A 147 12.75 -4.90 11.85
C ILE A 147 11.61 -4.38 12.71
N LEU A 148 10.86 -5.29 13.35
CA LEU A 148 9.75 -4.93 14.22
C LEU A 148 10.13 -5.08 15.69
N VAL A 149 9.48 -4.27 16.55
CA VAL A 149 9.75 -4.26 17.99
C VAL A 149 8.64 -4.97 18.77
N GLU A 150 9.01 -5.96 19.59
CA GLU A 150 8.08 -6.66 20.47
C GLU A 150 8.04 -5.88 21.77
N SER A 151 9.22 -5.53 22.30
CA SER A 151 9.38 -4.75 23.53
C SER A 151 10.78 -4.11 23.49
N GLU A 152 11.07 -3.25 24.47
CA GLU A 152 12.35 -2.58 24.66
C GLU A 152 13.53 -3.59 24.65
N ALA A 153 13.25 -4.88 24.99
CA ALA A 153 14.26 -5.96 25.04
C ALA A 153 14.08 -7.08 23.99
N HIS A 154 13.25 -6.86 22.95
CA HIS A 154 13.00 -7.86 21.92
C HIS A 154 12.65 -7.27 20.55
N VAL A 155 13.39 -7.73 19.52
CA VAL A 155 13.19 -7.35 18.11
C VAL A 155 13.01 -8.60 17.23
N LYS A 156 12.26 -8.47 16.12
CA LYS A 156 11.98 -9.55 15.15
C LYS A 156 12.09 -9.05 13.71
N ILE A 157 12.71 -9.85 12.83
CA ILE A 157 12.87 -9.55 11.39
C ILE A 157 11.53 -9.79 10.70
N ALA A 158 11.05 -8.79 9.96
CA ALA A 158 9.78 -8.87 9.24
C ALA A 158 9.93 -8.56 7.75
N ASP A 159 8.79 -8.42 7.02
CA ASP A 159 8.67 -8.17 5.57
C ASP A 159 9.58 -9.09 4.72
N PHE A 160 9.08 -10.30 4.46
CA PHE A 160 9.75 -11.31 3.63
C PHE A 160 9.12 -11.33 2.22
N GLY A 161 8.56 -10.18 1.82
CA GLY A 161 7.95 -9.99 0.51
C GLY A 161 8.93 -10.02 -0.64
N LEU A 162 10.19 -9.60 -0.37
CA LEU A 162 11.30 -9.56 -1.32
C LEU A 162 12.21 -10.78 -1.14
N ALA A 163 11.97 -11.59 -0.08
CA ALA A 163 12.75 -12.78 0.25
C ALA A 163 12.73 -13.84 -0.84
N LYS A 164 13.92 -14.36 -1.15
CA LYS A 164 14.11 -15.38 -2.17
C LYS A 164 14.88 -16.54 -1.58
N LEU A 165 14.41 -17.76 -1.87
CA LEU A 165 15.03 -19.02 -1.45
C LEU A 165 16.11 -19.33 -2.46
N LEU A 166 17.29 -19.72 -1.98
CA LEU A 166 18.45 -20.01 -2.84
C LEU A 166 18.22 -21.19 -3.81
N PRO A 167 18.65 -21.09 -5.09
CA PRO A 167 18.47 -22.22 -6.01
C PRO A 167 19.30 -23.40 -5.55
N LEU A 168 18.71 -24.60 -5.47
CA LEU A 168 19.33 -25.81 -4.96
C LEU A 168 20.78 -26.10 -5.43
N ASP A 169 21.18 -25.64 -6.64
CA ASP A 169 22.53 -25.84 -7.19
C ASP A 169 23.44 -24.60 -7.11
N LYS A 170 23.02 -23.53 -6.41
CA LYS A 170 23.79 -22.29 -6.24
C LYS A 170 23.62 -21.61 -4.87
N ASP A 171 24.57 -20.73 -4.50
CA ASP A 171 24.51 -19.98 -3.23
C ASP A 171 24.19 -18.51 -3.48
N VAL A 174 20.05 -14.16 -8.80
CA VAL A 174 20.13 -12.94 -9.61
C VAL A 174 18.69 -12.50 -9.89
N VAL A 175 18.30 -11.35 -9.35
CA VAL A 175 16.93 -10.86 -9.51
C VAL A 175 16.89 -9.72 -10.57
N ARG A 176 15.97 -9.82 -11.54
CA ARG A 176 15.83 -8.85 -12.62
C ARG A 176 14.62 -7.93 -12.43
N PRO A 182 15.58 0.99 -2.76
CA PRO A 182 16.43 1.30 -1.60
C PRO A 182 17.83 0.69 -1.77
N ILE A 183 18.62 1.37 -2.60
CA ILE A 183 19.96 1.00 -3.06
C ILE A 183 21.12 1.30 -2.06
N PHE A 184 20.87 2.09 -1.01
CA PHE A 184 21.89 2.45 -0.01
C PHE A 184 22.24 1.31 0.96
N TRP A 185 21.42 0.25 0.99
CA TRP A 185 21.60 -0.94 1.81
C TRP A 185 22.15 -2.10 0.97
N TYR A 186 22.07 -1.95 -0.37
CA TYR A 186 22.50 -2.95 -1.33
C TYR A 186 24.01 -2.98 -1.48
N ALA A 187 24.55 -4.22 -1.52
CA ALA A 187 25.96 -4.57 -1.68
C ALA A 187 26.45 -4.18 -3.10
N PRO A 188 27.79 -4.01 -3.35
CA PRO A 188 28.25 -3.64 -4.70
C PRO A 188 27.85 -4.62 -5.80
N GLU A 189 27.97 -5.95 -5.53
CA GLU A 189 27.61 -7.03 -6.46
C GLU A 189 26.11 -6.99 -6.83
N SER A 190 25.28 -6.50 -5.87
CA SER A 190 23.82 -6.31 -6.03
C SER A 190 23.55 -5.14 -6.97
N LEU A 191 24.25 -4.01 -6.79
CA LEU A 191 24.05 -2.83 -7.63
C LEU A 191 24.54 -3.05 -9.08
N SER A 192 25.66 -3.78 -9.23
CA SER A 192 26.31 -4.04 -10.51
C SER A 192 25.73 -5.21 -11.30
N ASP A 193 25.60 -6.38 -10.66
CA ASP A 193 25.14 -7.58 -11.34
C ASP A 193 23.82 -8.16 -10.82
N ASN A 194 23.13 -7.43 -9.91
CA ASN A 194 21.86 -7.84 -9.28
C ASN A 194 21.95 -9.19 -8.54
N ILE A 195 23.11 -9.46 -7.93
CA ILE A 195 23.40 -10.69 -7.19
C ILE A 195 23.01 -10.54 -5.75
N PHE A 196 22.29 -11.54 -5.24
CA PHE A 196 21.83 -11.63 -3.85
C PHE A 196 22.23 -12.98 -3.27
N SER A 197 22.93 -12.93 -2.15
CA SER A 197 23.40 -14.10 -1.43
C SER A 197 23.22 -13.90 0.06
N ARG A 198 23.64 -14.87 0.88
CA ARG A 198 23.62 -14.77 2.34
C ARG A 198 24.67 -13.74 2.73
N GLN A 199 25.71 -13.60 1.88
CA GLN A 199 26.83 -12.67 2.01
C GLN A 199 26.42 -11.22 1.70
N SER A 200 25.43 -11.02 0.82
CA SER A 200 24.92 -9.69 0.48
C SER A 200 24.01 -9.20 1.63
N ASP A 201 23.36 -10.15 2.35
CA ASP A 201 22.52 -9.89 3.52
C ASP A 201 23.42 -9.38 4.66
N VAL A 202 24.68 -9.88 4.72
CA VAL A 202 25.72 -9.49 5.69
C VAL A 202 26.06 -8.00 5.49
N TRP A 203 26.21 -7.55 4.23
CA TRP A 203 26.48 -6.15 3.87
C TRP A 203 25.36 -5.25 4.40
N SER A 204 24.09 -5.66 4.15
CA SER A 204 22.89 -4.96 4.61
C SER A 204 22.86 -4.90 6.13
N PHE A 205 23.34 -5.97 6.81
CA PHE A 205 23.43 -6.03 8.28
C PHE A 205 24.38 -4.97 8.81
N GLY A 206 25.51 -4.76 8.13
CA GLY A 206 26.48 -3.72 8.48
C GLY A 206 25.86 -2.34 8.45
N VAL A 207 24.95 -2.10 7.48
CA VAL A 207 24.19 -0.84 7.34
C VAL A 207 23.16 -0.74 8.47
N VAL A 208 22.51 -1.89 8.82
CA VAL A 208 21.53 -1.99 9.92
C VAL A 208 22.25 -1.62 11.24
N LEU A 209 23.49 -2.08 11.40
CA LEU A 209 24.36 -1.81 12.53
C LEU A 209 24.64 -0.30 12.62
N TYR A 210 24.88 0.36 11.47
CA TYR A 210 25.09 1.81 11.36
C TYR A 210 23.80 2.54 11.77
N GLU A 211 22.64 2.05 11.29
CA GLU A 211 21.31 2.59 11.58
C GLU A 211 21.03 2.60 13.08
N LEU A 212 21.42 1.52 13.77
CA LEU A 212 21.24 1.38 15.22
C LEU A 212 22.06 2.37 16.03
N PHE A 213 23.35 2.47 15.75
CA PHE A 213 24.27 3.34 16.50
C PHE A 213 24.17 4.83 16.11
N THR A 214 23.22 5.18 15.21
CA THR A 214 22.91 6.55 14.81
C THR A 214 21.50 6.89 15.32
N TYR A 215 20.79 5.84 15.83
CA TYR A 215 19.41 5.86 16.34
C TYR A 215 18.46 6.30 15.22
N CYS A 216 18.73 5.81 13.99
CA CYS A 216 18.01 6.11 12.75
C CYS A 216 17.74 7.62 12.53
N ASP A 217 18.77 8.47 12.81
CA ASP A 217 18.70 9.92 12.63
C ASP A 217 18.66 10.26 11.14
N LYS A 218 17.64 11.01 10.74
CA LYS A 218 17.34 11.45 9.36
C LYS A 218 18.50 12.24 8.76
N SER A 219 19.13 13.12 9.56
CA SER A 219 20.26 13.98 9.16
C SER A 219 21.50 13.18 8.73
N CYS A 220 21.79 12.09 9.45
CA CYS A 220 22.94 11.23 9.16
C CYS A 220 22.51 9.79 8.82
N SER A 221 21.41 9.65 8.06
CA SER A 221 20.90 8.35 7.61
C SER A 221 21.75 7.81 6.44
N PRO A 222 21.73 6.49 6.11
CA PRO A 222 22.53 6.00 4.97
C PRO A 222 22.24 6.75 3.67
N SER A 223 20.98 7.16 3.45
CA SER A 223 20.54 7.93 2.29
C SER A 223 21.20 9.32 2.27
N ALA A 224 21.08 10.09 3.36
CA ALA A 224 21.65 11.44 3.51
C ALA A 224 23.18 11.48 3.41
N GLU A 225 23.88 10.53 4.07
CA GLU A 225 25.35 10.45 4.07
C GLU A 225 25.94 10.12 2.71
N PHE A 226 25.34 9.13 1.99
CA PHE A 226 25.80 8.71 0.66
C PHE A 226 25.58 9.77 -0.41
N LEU A 227 24.42 10.48 -0.34
CA LEU A 227 24.10 11.57 -1.27
C LEU A 227 25.06 12.76 -1.07
N ARG A 228 25.53 12.94 0.18
CA ARG A 228 26.52 13.97 0.56
C ARG A 228 27.90 13.58 0.00
N MET A 229 28.23 12.26 0.04
CA MET A 229 29.48 11.71 -0.46
C MET A 229 29.56 11.73 -2.00
N MET A 230 28.41 11.84 -2.69
CA MET A 230 28.36 11.87 -4.15
C MET A 230 27.59 13.09 -4.70
N ALA A 238 23.07 8.14 -10.85
CA ALA A 238 22.62 8.10 -9.46
C ALA A 238 22.98 6.78 -8.78
N LEU A 239 23.02 5.67 -9.54
CA LEU A 239 23.34 4.32 -9.07
C LEU A 239 24.80 4.00 -9.38
N CYS A 240 25.30 4.45 -10.56
CA CYS A 240 26.69 4.24 -10.99
C CYS A 240 27.65 5.08 -10.13
N ARG A 241 27.17 6.23 -9.63
CA ARG A 241 27.89 7.16 -8.78
C ARG A 241 28.10 6.55 -7.38
N LEU A 242 27.13 5.76 -6.90
CA LEU A 242 27.22 5.07 -5.60
C LEU A 242 28.20 3.90 -5.68
N LEU A 243 28.14 3.13 -6.80
CA LEU A 243 29.03 1.99 -7.07
C LEU A 243 30.49 2.44 -7.18
N GLU A 244 30.70 3.65 -7.74
CA GLU A 244 31.98 4.32 -7.93
C GLU A 244 32.66 4.51 -6.57
N LEU A 245 31.91 4.99 -5.58
CA LEU A 245 32.35 5.23 -4.21
C LEU A 245 32.75 3.94 -3.50
N LEU A 246 31.83 2.95 -3.51
CA LEU A 246 32.03 1.64 -2.88
C LEU A 246 33.24 0.89 -3.45
N GLU A 247 33.52 1.08 -4.76
CA GLU A 247 34.67 0.50 -5.46
C GLU A 247 35.96 1.21 -5.02
N GLU A 248 35.86 2.54 -4.76
CA GLU A 248 36.97 3.41 -4.31
C GLU A 248 37.32 3.19 -2.82
N GLY A 249 36.46 2.46 -2.10
CA GLY A 249 36.66 2.14 -0.69
C GLY A 249 35.89 3.06 0.24
N GLN A 250 35.08 3.96 -0.33
CA GLN A 250 34.26 4.91 0.42
C GLN A 250 33.14 4.17 1.15
N ARG A 251 33.05 4.37 2.47
CA ARG A 251 32.05 3.74 3.34
C ARG A 251 31.39 4.78 4.23
N LEU A 252 30.31 4.37 4.94
CA LEU A 252 29.60 5.26 5.88
C LEU A 252 30.52 5.58 7.06
N PRO A 253 30.52 6.85 7.58
CA PRO A 253 31.42 7.18 8.69
C PRO A 253 31.03 6.49 9.99
N ALA A 254 31.99 6.34 10.92
CA ALA A 254 31.75 5.72 12.21
C ALA A 254 30.74 6.57 12.99
N PRO A 255 29.53 6.05 13.30
CA PRO A 255 28.54 6.86 14.05
C PRO A 255 29.10 7.48 15.33
N PRO A 256 28.64 8.71 15.72
CA PRO A 256 29.16 9.33 16.95
C PRO A 256 28.94 8.46 18.20
N ALA A 257 29.98 8.39 19.07
CA ALA A 257 30.03 7.60 20.31
C ALA A 257 29.89 6.09 20.12
N CYS A 258 30.02 5.60 18.87
CA CYS A 258 29.92 4.18 18.53
C CYS A 258 31.15 3.42 19.03
N PRO A 259 30.98 2.31 19.78
CA PRO A 259 32.15 1.56 20.25
C PRO A 259 33.02 1.08 19.10
N ALA A 260 34.34 1.33 19.19
CA ALA A 260 35.36 1.00 18.18
C ALA A 260 35.19 -0.38 17.53
N GLU A 261 35.02 -1.43 18.36
CA GLU A 261 34.87 -2.83 17.95
C GLU A 261 33.65 -3.05 17.08
N VAL A 262 32.55 -2.31 17.35
CA VAL A 262 31.33 -2.41 16.55
C VAL A 262 31.60 -1.85 15.16
N HIS A 263 32.24 -0.67 15.08
CA HIS A 263 32.59 -0.05 13.80
C HIS A 263 33.53 -0.95 12.98
N GLU A 264 34.45 -1.70 13.64
CA GLU A 264 35.36 -2.63 12.97
C GLU A 264 34.60 -3.81 12.33
N LEU A 265 33.49 -4.23 12.96
CA LEU A 265 32.62 -5.30 12.45
C LEU A 265 31.82 -4.78 11.25
N MET A 266 31.38 -3.50 11.30
CA MET A 266 30.65 -2.82 10.22
C MET A 266 31.53 -2.80 8.99
N LYS A 267 32.82 -2.42 9.16
CA LYS A 267 33.85 -2.35 8.11
C LYS A 267 34.06 -3.71 7.45
N LEU A 268 34.06 -4.79 8.25
CA LEU A 268 34.24 -6.17 7.77
C LEU A 268 33.00 -6.66 7.01
N CYS A 269 31.79 -6.22 7.41
CA CYS A 269 30.56 -6.56 6.72
C CYS A 269 30.53 -5.85 5.37
N TRP A 270 31.25 -4.71 5.27
CA TRP A 270 31.35 -3.91 4.07
C TRP A 270 32.61 -4.22 3.23
N ALA A 271 33.12 -5.46 3.33
CA ALA A 271 34.29 -5.89 2.54
C ALA A 271 33.86 -5.94 1.06
N PRO A 272 34.68 -5.45 0.09
CA PRO A 272 34.23 -5.44 -1.32
C PRO A 272 33.87 -6.81 -1.87
N SER A 273 34.66 -7.85 -1.53
CA SER A 273 34.47 -9.24 -1.94
C SER A 273 33.55 -9.99 -0.95
N PRO A 274 32.41 -10.58 -1.42
CA PRO A 274 31.47 -11.26 -0.49
C PRO A 274 32.07 -12.41 0.34
N GLN A 275 33.03 -13.14 -0.24
CA GLN A 275 33.74 -14.25 0.41
C GLN A 275 34.60 -13.79 1.61
N ASP A 276 34.92 -12.48 1.67
CA ASP A 276 35.74 -11.82 2.70
C ASP A 276 34.89 -11.26 3.84
N ARG A 277 33.56 -11.26 3.68
CA ARG A 277 32.62 -10.77 4.69
C ARG A 277 32.40 -11.88 5.73
N PRO A 278 32.21 -11.54 7.03
CA PRO A 278 31.98 -12.60 8.05
C PRO A 278 30.59 -13.22 7.94
N SER A 279 30.42 -14.44 8.45
CA SER A 279 29.10 -15.06 8.46
C SER A 279 28.31 -14.53 9.66
N PHE A 280 26.99 -14.79 9.69
CA PHE A 280 26.17 -14.39 10.82
C PHE A 280 26.54 -15.28 12.02
N SER A 281 27.04 -16.51 11.75
CA SER A 281 27.50 -17.47 12.73
C SER A 281 28.76 -16.98 13.43
N ALA A 282 29.58 -16.18 12.73
CA ALA A 282 30.81 -15.61 13.23
C ALA A 282 30.54 -14.28 13.95
N LEU A 283 29.59 -13.47 13.41
CA LEU A 283 29.22 -12.17 13.98
C LEU A 283 28.52 -12.32 15.32
N GLY A 284 27.57 -13.25 15.39
CA GLY A 284 26.77 -13.57 16.57
C GLY A 284 27.55 -13.49 17.87
N PRO A 285 28.49 -14.45 18.11
CA PRO A 285 29.28 -14.41 19.36
C PRO A 285 30.12 -13.14 19.57
N GLN A 286 30.61 -12.51 18.49
CA GLN A 286 31.41 -11.27 18.57
C GLN A 286 30.61 -10.10 19.14
N LEU A 287 29.29 -10.06 18.85
CA LEU A 287 28.37 -9.02 19.34
C LEU A 287 27.94 -9.35 20.76
N ASP A 288 27.68 -10.65 21.02
CA ASP A 288 27.25 -11.21 22.30
C ASP A 288 28.31 -10.96 23.39
N MET A 289 29.59 -11.07 23.02
CA MET A 289 30.71 -10.85 23.94
C MET A 289 30.97 -9.36 24.16
N LEU A 290 30.58 -8.53 23.18
CA LEU A 290 30.69 -7.07 23.24
C LEU A 290 29.66 -6.50 24.23
N TRP A 291 28.44 -7.09 24.23
CA TRP A 291 27.33 -6.74 25.13
C TRP A 291 27.72 -7.01 26.57
N SER A 292 28.44 -8.13 26.81
CA SER A 292 28.94 -8.54 28.12
C SER A 292 29.95 -7.51 28.66
N GLY A 293 30.68 -6.87 27.74
CA GLY A 293 31.64 -5.81 28.03
C GLY A 293 30.97 -4.49 28.40
N SER A 294 29.75 -4.25 27.87
CA SER A 294 28.94 -3.06 28.11
C SER A 294 28.37 -3.02 29.54
N ARG A 295 28.06 -4.22 30.11
CA ARG A 295 27.50 -4.47 31.45
C ARG A 295 26.05 -3.99 31.58
N PRO B 6 -5.75 56.70 -12.65
CA PRO B 6 -4.32 56.91 -12.35
C PRO B 6 -3.51 55.62 -12.27
N THR B 7 -2.16 55.73 -12.32
CA THR B 7 -1.25 54.58 -12.21
C THR B 7 -1.19 54.10 -10.74
N ILE B 8 -1.43 55.02 -9.79
CA ILE B 8 -1.45 54.74 -8.35
C ILE B 8 -2.88 54.93 -7.81
N PHE B 9 -3.40 53.87 -7.18
CA PHE B 9 -4.74 53.82 -6.59
C PHE B 9 -4.61 54.03 -5.09
N GLU B 10 -5.16 55.15 -4.58
CA GLU B 10 -5.12 55.51 -3.17
C GLU B 10 -6.01 54.54 -2.37
N GLU B 11 -5.39 53.80 -1.43
CA GLU B 11 -5.98 52.78 -0.57
C GLU B 11 -7.32 53.16 0.08
N ARG B 12 -7.38 54.35 0.72
CA ARG B 12 -8.58 54.84 1.42
C ARG B 12 -9.83 54.93 0.53
N HIS B 13 -9.66 55.07 -0.81
CA HIS B 13 -10.74 55.17 -1.80
C HIS B 13 -11.19 53.82 -2.41
N LEU B 14 -10.71 52.67 -1.87
CA LEU B 14 -11.06 51.34 -2.36
C LEU B 14 -12.09 50.64 -1.46
N LYS B 15 -13.38 50.72 -1.84
CA LYS B 15 -14.48 50.11 -1.09
C LYS B 15 -14.58 48.62 -1.46
N TYR B 16 -14.51 47.73 -0.46
CA TYR B 16 -14.61 46.28 -0.66
C TYR B 16 -16.07 45.91 -0.97
N ILE B 17 -16.28 44.98 -1.91
CA ILE B 17 -17.61 44.53 -2.27
C ILE B 17 -17.75 43.03 -2.01
N SER B 18 -16.90 42.20 -2.64
CA SER B 18 -16.96 40.75 -2.49
C SER B 18 -15.60 40.11 -2.80
N GLN B 19 -15.50 38.79 -2.56
CA GLN B 19 -14.32 37.98 -2.81
C GLN B 19 -14.47 37.32 -4.19
N LEU B 20 -13.46 37.51 -5.08
CA LEU B 20 -13.45 36.92 -6.43
C LEU B 20 -12.62 35.61 -6.46
N GLY B 21 -11.71 35.47 -5.51
CA GLY B 21 -10.84 34.31 -5.38
C GLY B 21 -10.00 34.29 -4.13
N LYS B 22 -9.56 33.09 -3.72
CA LYS B 22 -8.70 32.88 -2.55
C LYS B 22 -7.74 31.72 -2.83
N GLY B 23 -6.47 32.05 -3.01
CA GLY B 23 -5.40 31.09 -3.24
C GLY B 23 -4.77 30.63 -1.94
N ASN B 24 -3.76 29.73 -2.05
CA ASN B 24 -3.02 29.21 -0.88
C ASN B 24 -2.38 30.36 -0.11
N PHE B 25 -1.80 31.31 -0.87
CA PHE B 25 -1.18 32.55 -0.41
C PHE B 25 -1.78 33.67 -1.25
N GLY B 26 -2.47 34.61 -0.60
CA GLY B 26 -3.12 35.72 -1.28
C GLY B 26 -4.60 35.53 -1.63
N SER B 27 -5.23 36.59 -2.16
CA SER B 27 -6.65 36.61 -2.58
C SER B 27 -6.95 37.75 -3.57
N VAL B 28 -8.10 37.64 -4.27
CA VAL B 28 -8.57 38.65 -5.22
C VAL B 28 -9.93 39.13 -4.70
N GLU B 29 -10.17 40.44 -4.74
CA GLU B 29 -11.44 40.97 -4.28
C GLU B 29 -11.99 42.11 -5.15
N LEU B 30 -13.33 42.15 -5.28
CA LEU B 30 -14.06 43.15 -6.05
C LEU B 30 -14.11 44.43 -5.22
N CYS B 31 -13.59 45.53 -5.79
CA CYS B 31 -13.57 46.83 -5.14
C CYS B 31 -14.09 47.92 -6.07
N ARG B 32 -14.70 48.96 -5.49
CA ARG B 32 -15.15 50.12 -6.23
C ARG B 32 -14.21 51.24 -5.84
N TYR B 33 -13.31 51.64 -6.75
CA TYR B 33 -12.40 52.74 -6.47
C TYR B 33 -13.16 54.05 -6.73
N ASP B 34 -13.61 54.69 -5.63
CA ASP B 34 -14.37 55.93 -5.69
C ASP B 34 -13.79 57.02 -4.77
N PRO B 35 -12.94 57.92 -5.34
CA PRO B 35 -12.36 59.00 -4.52
C PRO B 35 -13.38 60.08 -4.14
N LEU B 36 -14.48 60.21 -4.92
CA LEU B 36 -15.56 61.19 -4.68
C LEU B 36 -16.43 60.80 -3.47
N GLY B 37 -16.68 59.51 -3.30
CA GLY B 37 -17.49 58.98 -2.20
C GLY B 37 -18.98 58.88 -2.50
N ASP B 38 -19.35 59.12 -3.77
CA ASP B 38 -20.75 59.06 -4.24
C ASP B 38 -21.14 57.70 -4.85
N ASN B 39 -20.28 56.68 -4.67
CA ASN B 39 -20.42 55.27 -5.13
C ASN B 39 -20.56 55.15 -6.67
N THR B 40 -19.99 56.11 -7.42
CA THR B 40 -20.02 56.17 -8.90
C THR B 40 -18.70 55.69 -9.54
N GLY B 41 -17.72 55.38 -8.69
CA GLY B 41 -16.40 54.89 -9.09
C GLY B 41 -16.40 53.58 -9.85
N ALA B 42 -15.30 53.32 -10.56
CA ALA B 42 -15.13 52.11 -11.36
C ALA B 42 -14.92 50.87 -10.52
N LEU B 43 -15.39 49.71 -11.01
CA LEU B 43 -15.22 48.41 -10.36
C LEU B 43 -13.92 47.80 -10.85
N VAL B 44 -13.03 47.47 -9.90
CA VAL B 44 -11.73 46.90 -10.18
C VAL B 44 -11.49 45.63 -9.37
N ALA B 45 -10.68 44.70 -9.91
CA ALA B 45 -10.28 43.48 -9.22
C ALA B 45 -8.95 43.80 -8.53
N VAL B 46 -8.89 43.57 -7.20
CA VAL B 46 -7.70 43.90 -6.40
C VAL B 46 -7.08 42.66 -5.77
N LYS B 47 -5.80 42.39 -6.11
CA LYS B 47 -5.02 41.25 -5.63
C LYS B 47 -4.07 41.68 -4.53
N GLN B 48 -4.09 40.94 -3.41
CA GLN B 48 -3.24 41.16 -2.25
C GLN B 48 -2.74 39.83 -1.74
N LEU B 49 -1.62 39.85 -0.99
CA LEU B 49 -1.00 38.67 -0.43
C LEU B 49 -1.40 38.53 1.05
N GLN B 50 -1.87 37.32 1.42
CA GLN B 50 -2.36 37.04 2.76
C GLN B 50 -1.21 36.63 3.72
N HIS B 51 -0.99 35.30 3.92
CA HIS B 51 0.06 34.76 4.79
C HIS B 51 1.44 35.05 4.18
N SER B 52 1.65 34.64 2.91
CA SER B 52 2.85 34.86 2.09
C SER B 52 4.21 34.52 2.78
N GLY B 53 5.27 35.07 2.22
CA GLY B 53 6.65 34.92 2.69
C GLY B 53 7.61 35.60 1.72
N PRO B 54 8.94 35.57 1.98
CA PRO B 54 9.87 36.23 1.04
C PRO B 54 9.73 35.82 -0.42
N ASP B 55 9.61 34.50 -0.69
CA ASP B 55 9.45 33.92 -2.03
C ASP B 55 8.21 34.42 -2.76
N GLN B 56 7.06 34.42 -2.07
CA GLN B 56 5.75 34.84 -2.59
C GLN B 56 5.69 36.33 -2.86
N GLN B 57 6.31 37.15 -1.98
CA GLN B 57 6.33 38.61 -2.09
C GLN B 57 7.14 39.06 -3.31
N ARG B 58 8.26 38.37 -3.56
CA ARG B 58 9.13 38.65 -4.71
C ARG B 58 8.49 38.21 -6.01
N ASP B 59 7.79 37.05 -6.00
CA ASP B 59 7.10 36.53 -7.17
C ASP B 59 5.89 37.38 -7.53
N PHE B 60 5.24 38.01 -6.52
CA PHE B 60 4.12 38.92 -6.71
C PHE B 60 4.59 40.21 -7.34
N GLN B 61 5.75 40.71 -6.87
CA GLN B 61 6.43 41.92 -7.36
C GLN B 61 6.77 41.75 -8.87
N ARG B 62 7.24 40.54 -9.25
CA ARG B 62 7.57 40.08 -10.60
C ARG B 62 6.29 40.09 -11.46
N GLU B 63 5.22 39.42 -10.97
CA GLU B 63 3.90 39.32 -11.60
C GLU B 63 3.35 40.71 -11.98
N ILE B 64 3.38 41.67 -11.05
CA ILE B 64 2.91 43.04 -11.28
C ILE B 64 3.64 43.67 -12.50
N GLN B 65 4.98 43.55 -12.54
CA GLN B 65 5.81 44.10 -13.62
C GLN B 65 5.50 43.48 -14.97
N ILE B 66 5.28 42.14 -15.00
CA ILE B 66 4.96 41.39 -16.21
C ILE B 66 3.61 41.85 -16.73
N LEU B 67 2.58 41.84 -15.86
CA LEU B 67 1.23 42.27 -16.25
C LEU B 67 1.20 43.72 -16.76
N LYS B 68 1.96 44.62 -16.10
CA LYS B 68 2.11 46.04 -16.46
C LYS B 68 2.63 46.21 -17.90
N ALA B 69 3.55 45.33 -18.34
CA ALA B 69 4.19 45.38 -19.65
C ALA B 69 3.42 44.70 -20.77
N LEU B 70 2.39 43.89 -20.45
CA LEU B 70 1.63 43.19 -21.48
C LEU B 70 0.42 44.00 -21.91
N HIS B 71 0.31 44.26 -23.22
CA HIS B 71 -0.78 45.01 -23.83
C HIS B 71 -1.42 44.23 -24.98
N SER B 72 -2.41 43.41 -24.62
CA SER B 72 -3.17 42.56 -25.53
C SER B 72 -4.64 42.57 -25.13
N ASP B 73 -5.54 42.55 -26.14
CA ASP B 73 -6.99 42.50 -25.95
C ASP B 73 -7.41 41.18 -25.35
N PHE B 74 -6.49 40.19 -25.27
CA PHE B 74 -6.77 38.83 -24.79
C PHE B 74 -5.97 38.47 -23.54
N ILE B 75 -5.44 39.48 -22.84
CA ILE B 75 -4.69 39.37 -21.59
C ILE B 75 -5.29 40.42 -20.64
N VAL B 76 -5.72 39.98 -19.43
CA VAL B 76 -6.34 40.82 -18.40
C VAL B 76 -5.52 42.10 -18.18
N LYS B 77 -6.21 43.26 -18.24
CA LYS B 77 -5.63 44.60 -18.15
C LYS B 77 -5.20 44.99 -16.78
N TYR B 78 -3.92 45.41 -16.66
CA TYR B 78 -3.32 45.95 -15.45
C TYR B 78 -3.86 47.36 -15.35
N ARG B 79 -4.35 47.76 -14.17
CA ARG B 79 -4.86 49.12 -13.98
C ARG B 79 -3.84 49.97 -13.22
N GLY B 80 -3.28 49.42 -12.15
CA GLY B 80 -2.30 50.09 -11.32
C GLY B 80 -1.96 49.35 -10.06
N VAL B 81 -1.45 50.08 -9.03
CA VAL B 81 -1.08 49.52 -7.72
C VAL B 81 -1.62 50.36 -6.55
N SER B 82 -1.72 49.73 -5.37
CA SER B 82 -2.16 50.37 -4.13
C SER B 82 -1.18 49.99 -3.00
N TYR B 83 -0.57 50.99 -2.37
CA TYR B 83 0.42 50.79 -1.30
C TYR B 83 -0.22 50.92 0.08
N GLU B 89 2.31 46.92 2.18
CA GLU B 89 1.04 46.28 1.88
C GLU B 89 0.62 46.52 0.43
N LEU B 90 1.45 46.03 -0.53
CA LEU B 90 1.20 46.15 -1.97
C LEU B 90 -0.04 45.39 -2.44
N ARG B 91 -0.80 46.05 -3.32
CA ARG B 91 -2.01 45.52 -3.96
C ARG B 91 -1.92 45.76 -5.46
N LEU B 92 -2.26 44.73 -6.25
CA LEU B 92 -2.28 44.76 -7.70
C LEU B 92 -3.71 45.06 -8.14
N VAL B 93 -3.91 46.16 -8.87
CA VAL B 93 -5.21 46.57 -9.35
C VAL B 93 -5.35 46.21 -10.83
N MET B 94 -6.37 45.41 -11.16
CA MET B 94 -6.66 44.92 -12.52
C MET B 94 -8.10 45.25 -12.91
N GLU B 95 -8.43 45.10 -14.22
CA GLU B 95 -9.79 45.32 -14.70
C GLU B 95 -10.69 44.19 -14.17
N TYR B 96 -11.99 44.47 -14.07
CA TYR B 96 -12.95 43.49 -13.57
C TYR B 96 -13.75 42.89 -14.71
N LEU B 97 -13.56 41.57 -14.94
CA LEU B 97 -14.28 40.78 -15.94
C LEU B 97 -15.50 40.19 -15.22
N PRO B 98 -16.72 40.73 -15.49
CA PRO B 98 -17.88 40.32 -14.66
C PRO B 98 -18.53 38.98 -15.02
N SER B 99 -18.07 38.26 -16.08
CA SER B 99 -18.69 36.98 -16.42
C SER B 99 -17.99 35.75 -15.75
N GLY B 100 -17.00 36.01 -14.89
CA GLY B 100 -16.28 34.96 -14.18
C GLY B 100 -15.22 34.27 -15.02
N CYS B 101 -14.86 33.03 -14.66
CA CYS B 101 -13.86 32.23 -15.40
C CYS B 101 -14.51 31.38 -16.49
N LEU B 102 -13.71 30.97 -17.50
CA LEU B 102 -14.14 30.18 -18.65
C LEU B 102 -14.64 28.78 -18.28
N ARG B 103 -14.00 28.10 -17.29
CA ARG B 103 -14.43 26.78 -16.79
C ARG B 103 -15.90 26.84 -16.33
N ASP B 104 -16.23 27.85 -15.48
CA ASP B 104 -17.57 28.09 -14.94
C ASP B 104 -18.56 28.45 -16.03
N PHE B 105 -18.17 29.36 -16.96
CA PHE B 105 -19.00 29.84 -18.05
C PHE B 105 -19.49 28.72 -18.96
N LEU B 106 -18.56 27.86 -19.49
CA LEU B 106 -18.91 26.74 -20.36
C LEU B 106 -19.88 25.77 -19.71
N GLN B 107 -19.61 25.37 -18.45
CA GLN B 107 -20.44 24.46 -17.65
C GLN B 107 -21.86 24.99 -17.49
N ARG B 108 -21.98 26.32 -17.35
CA ARG B 108 -23.23 27.05 -17.16
C ARG B 108 -24.00 27.26 -18.48
N HIS B 109 -23.30 27.67 -19.55
CA HIS B 109 -23.93 28.01 -20.81
C HIS B 109 -23.80 26.94 -21.93
N ARG B 110 -23.47 25.68 -21.57
CA ARG B 110 -23.28 24.55 -22.50
C ARG B 110 -24.40 24.43 -23.56
N ALA B 111 -25.66 24.60 -23.15
CA ALA B 111 -26.83 24.51 -24.02
C ALA B 111 -26.86 25.56 -25.15
N ARG B 112 -26.24 26.72 -24.93
CA ARG B 112 -26.19 27.84 -25.89
C ARG B 112 -24.91 27.88 -26.73
N LEU B 113 -23.79 27.44 -26.16
CA LEU B 113 -22.50 27.53 -26.85
C LEU B 113 -22.29 26.43 -27.87
N ASP B 114 -22.10 26.83 -29.14
CA ASP B 114 -21.85 25.92 -30.27
C ASP B 114 -20.36 25.89 -30.60
N ALA B 115 -19.92 24.95 -31.47
CA ALA B 115 -18.51 24.79 -31.88
C ALA B 115 -17.89 26.01 -32.58
N SER B 116 -18.71 26.98 -33.04
CA SER B 116 -18.24 28.22 -33.65
C SER B 116 -17.74 29.15 -32.56
N ARG B 117 -18.45 29.18 -31.42
CA ARG B 117 -18.09 29.99 -30.28
C ARG B 117 -16.86 29.43 -29.58
N LEU B 118 -16.75 28.08 -29.54
CA LEU B 118 -15.60 27.41 -28.92
C LEU B 118 -14.33 27.67 -29.72
N LEU B 119 -14.47 27.75 -31.07
CA LEU B 119 -13.36 28.05 -31.97
C LEU B 119 -12.92 29.50 -31.82
N LEU B 120 -13.89 30.40 -31.54
CA LEU B 120 -13.65 31.82 -31.31
C LEU B 120 -12.77 32.00 -30.07
N TYR B 121 -13.10 31.31 -28.96
CA TYR B 121 -12.31 31.35 -27.72
C TYR B 121 -10.93 30.81 -28.00
N SER B 122 -10.86 29.62 -28.64
CA SER B 122 -9.61 28.96 -29.01
C SER B 122 -8.65 29.93 -29.71
N SER B 123 -9.18 30.67 -30.71
CA SER B 123 -8.46 31.67 -31.49
C SER B 123 -7.96 32.83 -30.62
N GLN B 124 -8.82 33.34 -29.72
CA GLN B 124 -8.51 34.46 -28.82
C GLN B 124 -7.40 34.10 -27.81
N ILE B 125 -7.51 32.92 -27.17
CA ILE B 125 -6.53 32.40 -26.22
C ILE B 125 -5.19 32.22 -26.95
N CYS B 126 -5.23 31.76 -28.22
CA CYS B 126 -4.06 31.58 -29.06
C CYS B 126 -3.37 32.90 -29.37
N LYS B 127 -4.15 33.96 -29.72
CA LYS B 127 -3.63 35.30 -30.02
C LYS B 127 -2.91 35.88 -28.80
N GLY B 128 -3.53 35.75 -27.61
CA GLY B 128 -2.98 36.22 -26.34
C GLY B 128 -1.72 35.48 -25.96
N MET B 129 -1.72 34.15 -26.18
CA MET B 129 -0.62 33.23 -25.95
C MET B 129 0.54 33.54 -26.89
N GLU B 130 0.24 33.98 -28.12
CA GLU B 130 1.24 34.36 -29.12
C GLU B 130 1.94 35.64 -28.69
N TYR B 131 1.17 36.67 -28.21
CA TYR B 131 1.70 37.94 -27.73
C TYR B 131 2.64 37.70 -26.57
N LEU B 132 2.17 36.89 -25.59
CA LEU B 132 2.89 36.44 -24.39
C LEU B 132 4.28 35.89 -24.76
N GLY B 133 4.32 35.03 -25.78
CA GLY B 133 5.54 34.42 -26.29
C GLY B 133 6.51 35.41 -26.90
N SER B 134 5.99 36.42 -27.63
CA SER B 134 6.79 37.47 -28.26
C SER B 134 7.46 38.36 -27.20
N ARG B 135 6.83 38.45 -26.02
CA ARG B 135 7.32 39.21 -24.88
C ARG B 135 8.27 38.35 -24.02
N ARG B 136 8.62 37.15 -24.55
CA ARG B 136 9.52 36.13 -23.97
C ARG B 136 9.08 35.67 -22.58
N CYS B 137 7.76 35.54 -22.43
CA CYS B 137 7.08 35.18 -21.20
C CYS B 137 6.42 33.80 -21.29
N VAL B 138 6.54 33.01 -20.20
CA VAL B 138 5.91 31.68 -20.10
C VAL B 138 4.85 31.75 -18.99
N HIS B 139 3.58 31.39 -19.32
CA HIS B 139 2.45 31.43 -18.39
C HIS B 139 2.56 30.39 -17.25
N ARG B 140 2.92 29.14 -17.58
CA ARG B 140 3.10 27.95 -16.71
C ARG B 140 1.78 27.33 -16.19
N ASP B 141 0.66 28.08 -16.17
CA ASP B 141 -0.62 27.58 -15.66
C ASP B 141 -1.81 27.92 -16.58
N LEU B 142 -1.69 27.49 -17.84
CA LEU B 142 -2.70 27.73 -18.86
C LEU B 142 -3.77 26.65 -18.76
N ALA B 143 -4.93 27.02 -18.18
CA ALA B 143 -6.10 26.16 -17.97
C ALA B 143 -7.37 26.97 -18.14
N ALA B 144 -8.51 26.31 -18.47
CA ALA B 144 -9.81 26.99 -18.63
C ALA B 144 -10.28 27.74 -17.37
N ARG B 145 -9.79 27.33 -16.19
CA ARG B 145 -10.08 28.00 -14.92
C ARG B 145 -9.33 29.34 -14.82
N ASN B 146 -8.21 29.49 -15.56
CA ASN B 146 -7.38 30.70 -15.56
C ASN B 146 -7.67 31.62 -16.73
N ILE B 147 -8.69 31.29 -17.54
CA ILE B 147 -9.14 32.15 -18.64
C ILE B 147 -10.39 32.83 -18.09
N LEU B 148 -10.50 34.16 -18.25
CA LEU B 148 -11.65 34.92 -17.78
C LEU B 148 -12.54 35.33 -18.96
N VAL B 149 -13.84 35.49 -18.69
CA VAL B 149 -14.84 35.83 -19.70
C VAL B 149 -15.27 37.29 -19.57
N GLU B 150 -15.11 38.07 -20.66
CA GLU B 150 -15.54 39.46 -20.74
C GLU B 150 -17.02 39.45 -21.16
N SER B 151 -17.34 38.67 -22.20
CA SER B 151 -18.68 38.49 -22.73
C SER B 151 -18.71 37.16 -23.49
N GLU B 152 -19.89 36.74 -23.95
CA GLU B 152 -20.11 35.52 -24.72
C GLU B 152 -19.18 35.48 -25.95
N ALA B 153 -18.71 36.66 -26.45
CA ALA B 153 -17.82 36.78 -27.62
C ALA B 153 -16.39 37.26 -27.31
N HIS B 154 -15.98 37.26 -26.02
CA HIS B 154 -14.64 37.73 -25.62
C HIS B 154 -14.09 37.03 -24.39
N VAL B 155 -12.86 36.52 -24.51
CA VAL B 155 -12.11 35.86 -23.43
C VAL B 155 -10.73 36.51 -23.26
N LYS B 156 -10.17 36.48 -22.01
CA LYS B 156 -8.86 37.05 -21.66
C LYS B 156 -8.09 36.09 -20.75
N ILE B 157 -6.78 35.93 -21.01
CA ILE B 157 -5.87 35.08 -20.22
C ILE B 157 -5.54 35.84 -18.92
N ALA B 158 -5.75 35.18 -17.77
CA ALA B 158 -5.48 35.76 -16.46
C ALA B 158 -4.53 34.90 -15.62
N ASP B 159 -4.37 35.24 -14.32
CA ASP B 159 -3.50 34.60 -13.32
C ASP B 159 -2.07 34.34 -13.87
N PHE B 160 -1.23 35.37 -13.80
CA PHE B 160 0.16 35.35 -14.21
C PHE B 160 1.06 35.21 -12.95
N GLY B 161 0.49 34.62 -11.90
CA GLY B 161 1.18 34.40 -10.64
C GLY B 161 2.29 33.37 -10.71
N LEU B 162 2.15 32.40 -11.64
CA LEU B 162 3.11 31.33 -11.90
C LEU B 162 3.98 31.66 -13.11
N ALA B 163 3.64 32.75 -13.83
CA ALA B 163 4.34 33.21 -15.03
C ALA B 163 5.82 33.56 -14.78
N LYS B 164 6.71 33.05 -15.64
CA LYS B 164 8.13 33.36 -15.54
C LYS B 164 8.65 33.85 -16.89
N LEU B 165 9.47 34.89 -16.85
CA LEU B 165 10.10 35.51 -18.01
C LEU B 165 11.32 34.67 -18.35
N LEU B 166 11.52 34.38 -19.65
CA LEU B 166 12.64 33.55 -20.10
C LEU B 166 14.02 34.17 -19.82
N PRO B 167 15.01 33.35 -19.37
CA PRO B 167 16.36 33.91 -19.14
C PRO B 167 16.98 34.37 -20.45
N LEU B 168 17.54 35.59 -20.49
CA LEU B 168 18.06 36.22 -21.70
C LEU B 168 18.96 35.32 -22.60
N ASP B 169 19.66 34.32 -22.03
CA ASP B 169 20.53 33.41 -22.81
C ASP B 169 19.92 32.01 -23.08
N LYS B 170 18.61 31.82 -22.76
CA LYS B 170 17.91 30.54 -22.97
C LYS B 170 16.43 30.69 -23.37
N ASP B 171 15.86 29.62 -23.97
CA ASP B 171 14.44 29.62 -24.37
C ASP B 171 13.61 28.70 -23.46
N VAL B 174 13.79 26.49 -15.75
CA VAL B 174 13.69 25.32 -14.90
C VAL B 174 13.24 25.80 -13.53
N VAL B 175 12.04 25.38 -13.11
CA VAL B 175 11.51 25.78 -11.81
C VAL B 175 11.63 24.58 -10.82
N ARG B 176 12.40 24.78 -9.73
CA ARG B 176 12.65 23.75 -8.72
C ARG B 176 11.60 23.69 -7.60
N GLU B 177 10.75 24.74 -7.48
CA GLU B 177 9.70 24.88 -6.45
C GLU B 177 8.53 23.90 -6.66
N PRO B 178 7.94 23.33 -5.57
CA PRO B 178 6.83 22.37 -5.73
C PRO B 178 5.61 22.92 -6.49
N GLY B 179 5.41 22.40 -7.70
CA GLY B 179 4.33 22.80 -8.59
C GLY B 179 2.96 22.27 -8.19
N GLN B 180 2.38 22.86 -7.13
CA GLN B 180 1.05 22.51 -6.56
C GLN B 180 -0.10 22.62 -7.57
N SER B 181 0.21 23.13 -8.78
CA SER B 181 -0.71 23.25 -9.92
C SER B 181 -0.87 21.87 -10.60
N PRO B 182 -2.13 21.42 -10.89
CA PRO B 182 -2.33 20.10 -11.53
C PRO B 182 -1.40 19.76 -12.69
N ILE B 183 -0.82 18.55 -12.59
CA ILE B 183 0.16 17.97 -13.52
C ILE B 183 -0.48 17.39 -14.80
N PHE B 184 -1.82 17.49 -14.94
CA PHE B 184 -2.56 16.98 -16.11
C PHE B 184 -2.50 17.93 -17.32
N TRP B 185 -2.06 19.17 -17.09
CA TRP B 185 -1.89 20.20 -18.12
C TRP B 185 -0.41 20.35 -18.49
N TYR B 186 0.48 19.82 -17.63
CA TYR B 186 1.94 19.87 -17.72
C TYR B 186 2.49 18.94 -18.79
N ALA B 187 3.39 19.47 -19.65
CA ALA B 187 4.05 18.76 -20.74
C ALA B 187 5.00 17.66 -20.19
N PRO B 188 5.41 16.63 -20.98
CA PRO B 188 6.30 15.59 -20.43
C PRO B 188 7.63 16.13 -19.87
N GLU B 189 8.25 17.14 -20.54
CA GLU B 189 9.52 17.74 -20.10
C GLU B 189 9.41 18.41 -18.74
N SER B 190 8.21 18.97 -18.45
CA SER B 190 7.89 19.64 -17.20
C SER B 190 7.76 18.62 -16.08
N LEU B 191 7.13 17.45 -16.36
CA LEU B 191 6.94 16.40 -15.35
C LEU B 191 8.25 15.71 -15.00
N SER B 192 9.12 15.58 -16.00
CA SER B 192 10.39 14.87 -15.89
C SER B 192 11.56 15.72 -15.42
N ASP B 193 11.72 16.92 -16.01
CA ASP B 193 12.88 17.74 -15.72
C ASP B 193 12.54 19.15 -15.28
N ASN B 194 11.26 19.41 -14.95
CA ASN B 194 10.72 20.72 -14.51
C ASN B 194 11.05 21.89 -15.50
N ILE B 195 11.16 21.55 -16.80
CA ILE B 195 11.47 22.49 -17.86
C ILE B 195 10.19 23.13 -18.37
N PHE B 196 10.18 24.45 -18.48
CA PHE B 196 9.05 25.25 -18.97
C PHE B 196 9.52 26.16 -20.10
N SER B 197 8.84 26.09 -21.27
CA SER B 197 9.16 26.87 -22.44
C SER B 197 7.88 27.40 -23.06
N ARG B 198 8.00 28.12 -24.19
CA ARG B 198 6.85 28.62 -24.97
C ARG B 198 6.17 27.40 -25.60
N GLN B 199 6.98 26.34 -25.84
CA GLN B 199 6.58 25.06 -26.42
C GLN B 199 5.81 24.19 -25.41
N SER B 200 6.09 24.33 -24.10
CA SER B 200 5.36 23.61 -23.04
C SER B 200 3.99 24.26 -22.84
N ASP B 201 3.89 25.60 -23.11
CA ASP B 201 2.63 26.37 -23.05
C ASP B 201 1.70 25.89 -24.18
N VAL B 202 2.29 25.48 -25.32
CA VAL B 202 1.59 24.92 -26.49
C VAL B 202 0.90 23.61 -26.07
N TRP B 203 1.59 22.73 -25.30
CA TRP B 203 1.05 21.45 -24.81
C TRP B 203 -0.18 21.73 -23.97
N SER B 204 -0.07 22.71 -23.02
CA SER B 204 -1.14 23.15 -22.13
C SER B 204 -2.30 23.69 -22.93
N PHE B 205 -2.03 24.37 -24.07
CA PHE B 205 -3.05 24.90 -24.97
C PHE B 205 -3.88 23.77 -25.58
N GLY B 206 -3.21 22.68 -25.95
CA GLY B 206 -3.87 21.48 -26.49
C GLY B 206 -4.86 20.90 -25.50
N VAL B 207 -4.52 20.94 -24.19
CA VAL B 207 -5.38 20.49 -23.09
C VAL B 207 -6.54 21.49 -22.92
N VAL B 208 -6.26 22.82 -23.07
CA VAL B 208 -7.25 23.91 -22.99
C VAL B 208 -8.30 23.70 -24.13
N LEU B 209 -7.83 23.25 -25.32
CA LEU B 209 -8.63 22.95 -26.52
C LEU B 209 -9.56 21.77 -26.24
N TYR B 210 -9.05 20.79 -25.48
CA TYR B 210 -9.82 19.64 -25.05
C TYR B 210 -10.89 20.09 -24.04
N GLU B 211 -10.52 20.97 -23.07
CA GLU B 211 -11.39 21.54 -22.05
C GLU B 211 -12.60 22.25 -22.67
N LEU B 212 -12.35 23.03 -23.74
CA LEU B 212 -13.37 23.78 -24.46
C LEU B 212 -14.39 22.87 -25.17
N PHE B 213 -13.89 21.89 -25.93
CA PHE B 213 -14.75 20.99 -26.71
C PHE B 213 -15.41 19.89 -25.87
N THR B 214 -15.23 19.93 -24.54
CA THR B 214 -15.89 19.03 -23.59
C THR B 214 -16.83 19.88 -22.73
N TYR B 215 -16.73 21.22 -22.86
CA TYR B 215 -17.47 22.26 -22.11
C TYR B 215 -17.16 22.12 -20.62
N CYS B 216 -15.86 21.83 -20.32
CA CYS B 216 -15.31 21.63 -18.98
C CYS B 216 -16.15 20.66 -18.10
N ASP B 217 -16.62 19.55 -18.71
CA ASP B 217 -17.41 18.52 -18.03
C ASP B 217 -16.51 17.76 -17.04
N LYS B 218 -16.95 17.74 -15.77
CA LYS B 218 -16.28 17.12 -14.63
C LYS B 218 -16.01 15.63 -14.86
N SER B 219 -17.00 14.90 -15.46
CA SER B 219 -16.95 13.48 -15.75
C SER B 219 -15.83 13.10 -16.72
N CYS B 220 -15.61 13.93 -17.75
CA CYS B 220 -14.57 13.71 -18.75
C CYS B 220 -13.52 14.84 -18.77
N SER B 221 -13.15 15.34 -17.58
CA SER B 221 -12.14 16.39 -17.42
C SER B 221 -10.72 15.79 -17.61
N PRO B 222 -9.65 16.59 -17.91
CA PRO B 222 -8.30 16.00 -18.04
C PRO B 222 -7.87 15.19 -16.82
N SER B 223 -8.29 15.61 -15.62
CA SER B 223 -8.01 14.92 -14.37
C SER B 223 -8.69 13.53 -14.32
N ALA B 224 -10.01 13.49 -14.56
CA ALA B 224 -10.83 12.27 -14.56
C ALA B 224 -10.40 11.24 -15.63
N GLU B 225 -10.11 11.70 -16.87
CA GLU B 225 -9.71 10.84 -17.98
C GLU B 225 -8.33 10.20 -17.77
N PHE B 226 -7.34 10.98 -17.29
CA PHE B 226 -5.98 10.51 -17.04
C PHE B 226 -5.91 9.53 -15.88
N LEU B 227 -6.69 9.76 -14.80
CA LEU B 227 -6.76 8.88 -13.64
C LEU B 227 -7.40 7.54 -14.02
N ARG B 228 -8.32 7.57 -15.01
CA ARG B 228 -9.01 6.39 -15.57
C ARG B 228 -7.98 5.59 -16.42
N MET B 229 -7.12 6.30 -17.17
CA MET B 229 -6.08 5.72 -18.01
C MET B 229 -4.94 5.12 -17.19
N MET B 230 -4.80 5.53 -15.90
CA MET B 230 -3.78 5.04 -14.98
C MET B 230 -4.37 4.49 -13.69
N ALA B 238 2.63 8.20 -8.75
CA ALA B 238 1.52 8.51 -9.65
C ALA B 238 1.89 9.49 -10.76
N LEU B 239 2.91 10.34 -10.51
CA LEU B 239 3.42 11.30 -11.48
C LEU B 239 4.27 10.57 -12.54
N CYS B 240 5.00 9.52 -12.09
CA CYS B 240 5.82 8.65 -12.95
C CYS B 240 4.91 7.82 -13.88
N ARG B 241 3.71 7.46 -13.39
CA ARG B 241 2.72 6.69 -14.12
C ARG B 241 2.08 7.54 -15.24
N LEU B 242 1.92 8.87 -15.00
CA LEU B 242 1.37 9.79 -16.01
C LEU B 242 2.39 9.97 -17.14
N LEU B 243 3.69 10.12 -16.78
CA LEU B 243 4.81 10.26 -17.71
C LEU B 243 4.96 9.02 -18.58
N GLU B 244 4.71 7.83 -17.98
CA GLU B 244 4.76 6.52 -18.63
C GLU B 244 3.74 6.47 -19.77
N LEU B 245 2.50 6.95 -19.53
CA LEU B 245 1.42 7.02 -20.51
C LEU B 245 1.80 7.92 -21.69
N LEU B 246 2.19 9.17 -21.40
CA LEU B 246 2.59 10.17 -22.39
C LEU B 246 3.77 9.70 -23.25
N GLU B 247 4.70 8.92 -22.65
CA GLU B 247 5.85 8.34 -23.36
C GLU B 247 5.39 7.19 -24.26
N GLU B 248 4.36 6.43 -23.82
CA GLU B 248 3.76 5.31 -24.55
C GLU B 248 2.87 5.77 -25.72
N GLY B 249 2.56 7.07 -25.77
CA GLY B 249 1.76 7.68 -26.82
C GLY B 249 0.32 7.89 -26.43
N GLN B 250 -0.02 7.56 -25.17
CA GLN B 250 -1.36 7.73 -24.62
C GLN B 250 -1.71 9.20 -24.47
N ARG B 251 -2.84 9.61 -25.04
CA ARG B 251 -3.32 10.99 -25.01
C ARG B 251 -4.80 11.02 -24.64
N LEU B 252 -5.34 12.23 -24.37
CA LEU B 252 -6.76 12.42 -24.04
C LEU B 252 -7.61 12.06 -25.27
N PRO B 253 -8.78 11.40 -25.09
CA PRO B 253 -9.60 11.02 -26.26
C PRO B 253 -10.21 12.22 -26.96
N ALA B 254 -10.56 12.07 -28.24
CA ALA B 254 -11.20 13.14 -29.02
C ALA B 254 -12.56 13.45 -28.39
N PRO B 255 -12.76 14.68 -27.85
CA PRO B 255 -14.06 15.01 -27.23
C PRO B 255 -15.27 14.70 -28.11
N PRO B 256 -16.44 14.30 -27.53
CA PRO B 256 -17.61 13.98 -28.36
C PRO B 256 -18.04 15.15 -29.26
N ALA B 257 -18.37 14.83 -30.52
CA ALA B 257 -18.80 15.77 -31.58
C ALA B 257 -17.77 16.85 -31.95
N CYS B 258 -16.50 16.66 -31.50
CA CYS B 258 -15.40 17.59 -31.78
C CYS B 258 -14.98 17.50 -33.25
N PRO B 259 -14.91 18.65 -33.97
CA PRO B 259 -14.48 18.60 -35.39
C PRO B 259 -13.10 17.98 -35.53
N ALA B 260 -12.97 17.01 -36.45
CA ALA B 260 -11.76 16.23 -36.73
C ALA B 260 -10.47 17.06 -36.76
N GLU B 261 -10.47 18.18 -37.50
CA GLU B 261 -9.33 19.08 -37.68
C GLU B 261 -8.86 19.69 -36.37
N VAL B 262 -9.79 19.96 -35.43
CA VAL B 262 -9.47 20.52 -34.10
C VAL B 262 -8.71 19.45 -33.30
N HIS B 263 -9.20 18.20 -33.33
CA HIS B 263 -8.55 17.09 -32.65
C HIS B 263 -7.14 16.84 -33.22
N GLU B 264 -6.94 17.02 -34.54
CA GLU B 264 -5.63 16.85 -35.19
C GLU B 264 -4.63 17.91 -34.70
N LEU B 265 -5.11 19.13 -34.38
CA LEU B 265 -4.29 20.21 -33.84
C LEU B 265 -3.93 19.91 -32.38
N MET B 266 -4.88 19.30 -31.62
CA MET B 266 -4.67 18.90 -30.23
C MET B 266 -3.55 17.89 -30.18
N LYS B 267 -3.58 16.89 -31.10
CA LYS B 267 -2.59 15.82 -31.24
C LYS B 267 -1.20 16.38 -31.53
N LEU B 268 -1.13 17.42 -32.38
CA LEU B 268 0.12 18.10 -32.75
C LEU B 268 0.68 18.91 -31.60
N CYS B 269 -0.21 19.51 -30.79
CA CYS B 269 0.20 20.27 -29.61
C CYS B 269 0.79 19.30 -28.58
N TRP B 270 0.33 18.04 -28.62
CA TRP B 270 0.76 16.97 -27.72
C TRP B 270 1.88 16.09 -28.30
N ALA B 271 2.73 16.66 -29.19
CA ALA B 271 3.88 15.97 -29.77
C ALA B 271 4.88 15.72 -28.63
N PRO B 272 5.50 14.51 -28.52
CA PRO B 272 6.42 14.26 -27.39
C PRO B 272 7.60 15.23 -27.33
N SER B 273 8.19 15.54 -28.50
CA SER B 273 9.31 16.47 -28.64
C SER B 273 8.75 17.90 -28.64
N PRO B 274 9.37 18.88 -27.92
CA PRO B 274 8.82 20.25 -27.93
C PRO B 274 9.00 20.96 -29.27
N GLN B 275 10.17 20.75 -29.93
CA GLN B 275 10.51 21.32 -31.24
C GLN B 275 9.54 20.87 -32.36
N ASP B 276 8.78 19.76 -32.13
CA ASP B 276 7.82 19.18 -33.05
C ASP B 276 6.39 19.71 -32.81
N ARG B 277 6.21 20.55 -31.79
CA ARG B 277 4.92 21.15 -31.48
C ARG B 277 4.76 22.44 -32.31
N PRO B 278 3.53 22.77 -32.78
CA PRO B 278 3.39 24.00 -33.58
C PRO B 278 3.50 25.26 -32.73
N SER B 279 3.84 26.40 -33.34
CA SER B 279 3.89 27.65 -32.60
C SER B 279 2.47 28.22 -32.49
N PHE B 280 2.27 29.22 -31.62
CA PHE B 280 0.97 29.89 -31.51
C PHE B 280 0.72 30.70 -32.78
N SER B 281 1.82 31.13 -33.43
CA SER B 281 1.82 31.88 -34.69
C SER B 281 1.31 31.01 -35.84
N ALA B 282 1.54 29.69 -35.75
CA ALA B 282 1.10 28.69 -36.74
C ALA B 282 -0.32 28.22 -36.43
N LEU B 283 -0.67 28.04 -35.13
CA LEU B 283 -1.99 27.58 -34.70
C LEU B 283 -3.08 28.61 -34.99
N GLY B 284 -2.78 29.89 -34.68
CA GLY B 284 -3.66 31.03 -34.87
C GLY B 284 -4.47 30.96 -36.16
N PRO B 285 -3.81 31.12 -37.34
CA PRO B 285 -4.56 31.04 -38.62
C PRO B 285 -5.28 29.71 -38.89
N GLN B 286 -4.74 28.58 -38.39
CA GLN B 286 -5.37 27.28 -38.58
C GLN B 286 -6.73 27.16 -37.88
N LEU B 287 -6.89 27.84 -36.75
CA LEU B 287 -8.13 27.89 -35.97
C LEU B 287 -9.09 28.90 -36.59
N ASP B 288 -8.54 30.05 -37.02
CA ASP B 288 -9.25 31.16 -37.65
C ASP B 288 -9.93 30.71 -38.96
N MET B 289 -9.26 29.85 -39.72
CA MET B 289 -9.78 29.32 -40.98
C MET B 289 -10.79 28.21 -40.76
N LEU B 290 -10.70 27.53 -39.60
CA LEU B 290 -11.63 26.49 -39.17
C LEU B 290 -12.98 27.10 -38.78
N TRP B 291 -12.93 28.27 -38.10
CA TRP B 291 -14.10 29.04 -37.66
C TRP B 291 -14.91 29.49 -38.87
N SER B 292 -14.20 29.90 -39.95
CA SER B 292 -14.78 30.32 -41.23
C SER B 292 -15.56 29.17 -41.88
N GLY B 293 -15.08 27.94 -41.65
CA GLY B 293 -15.69 26.70 -42.14
C GLY B 293 -16.95 26.33 -41.37
N SER B 294 -17.04 26.75 -40.09
CA SER B 294 -18.18 26.51 -39.19
C SER B 294 -19.41 27.34 -39.58
N ARG B 295 -19.17 28.56 -40.14
CA ARG B 295 -20.17 29.55 -40.60
C ARG B 295 -20.96 30.18 -39.44
N PRO C 6 21.39 -19.10 -35.78
CA PRO C 6 20.34 -18.25 -36.39
C PRO C 6 18.92 -18.68 -36.00
N THR C 7 17.92 -17.80 -36.23
CA THR C 7 16.50 -18.07 -35.97
C THR C 7 15.94 -19.03 -37.03
N ILE C 8 16.54 -19.00 -38.25
CA ILE C 8 16.16 -19.85 -39.39
C ILE C 8 17.32 -20.81 -39.70
N PHE C 9 17.01 -22.11 -39.68
CA PHE C 9 17.95 -23.19 -39.96
C PHE C 9 17.75 -23.67 -41.39
N GLU C 10 18.78 -23.47 -42.24
CA GLU C 10 18.76 -23.87 -43.63
C GLU C 10 18.77 -25.40 -43.75
N GLU C 11 17.70 -25.95 -44.36
CA GLU C 11 17.41 -27.37 -44.54
C GLU C 11 18.60 -28.21 -45.06
N ARG C 12 19.28 -27.75 -46.13
CA ARG C 12 20.41 -28.44 -46.76
C ARG C 12 21.59 -28.72 -45.80
N HIS C 13 21.72 -27.91 -44.72
CA HIS C 13 22.78 -28.04 -43.71
C HIS C 13 22.42 -28.93 -42.50
N LEU C 14 21.28 -29.64 -42.55
CA LEU C 14 20.83 -30.51 -41.45
C LEU C 14 21.08 -32.00 -41.74
N LYS C 15 22.21 -32.54 -41.25
CA LYS C 15 22.62 -33.94 -41.43
C LYS C 15 21.87 -34.82 -40.42
N TYR C 16 21.12 -35.82 -40.92
CA TYR C 16 20.39 -36.78 -40.08
C TYR C 16 21.37 -37.75 -39.39
N ILE C 17 21.11 -38.06 -38.11
CA ILE C 17 21.95 -38.98 -37.35
C ILE C 17 21.13 -40.19 -36.89
N SER C 18 20.07 -39.94 -36.11
CA SER C 18 19.22 -41.01 -35.57
C SER C 18 17.81 -40.51 -35.26
N GLN C 19 16.91 -41.43 -34.89
CA GLN C 19 15.53 -41.16 -34.50
C GLN C 19 15.47 -41.05 -32.97
N LEU C 20 14.93 -39.93 -32.44
CA LEU C 20 14.80 -39.70 -31.00
C LEU C 20 13.38 -40.04 -30.51
N GLY C 21 12.41 -40.01 -31.43
CA GLY C 21 11.01 -40.29 -31.15
C GLY C 21 10.14 -40.39 -32.39
N LYS C 22 9.02 -41.10 -32.25
CA LYS C 22 8.05 -41.32 -33.31
C LYS C 22 6.65 -41.40 -32.73
N GLY C 23 5.87 -40.35 -32.98
CA GLY C 23 4.48 -40.26 -32.55
C GLY C 23 3.53 -40.82 -33.59
N ASN C 24 2.20 -40.82 -33.29
CA ASN C 24 1.17 -41.31 -34.22
C ASN C 24 1.24 -40.51 -35.52
N PHE C 25 1.42 -39.18 -35.38
CA PHE C 25 1.60 -38.20 -36.45
C PHE C 25 2.86 -37.40 -36.11
N GLY C 26 3.86 -37.49 -36.97
CA GLY C 26 5.14 -36.80 -36.76
C GLY C 26 6.22 -37.59 -36.05
N SER C 27 7.45 -37.03 -36.01
CA SER C 27 8.64 -37.64 -35.40
C SER C 27 9.69 -36.60 -34.99
N VAL C 28 10.64 -37.02 -34.12
CA VAL C 28 11.76 -36.22 -33.64
C VAL C 28 13.03 -36.92 -34.10
N GLU C 29 14.02 -36.18 -34.62
CA GLU C 29 15.27 -36.79 -35.06
C GLU C 29 16.51 -35.95 -34.72
N LEU C 30 17.61 -36.66 -34.39
CA LEU C 30 18.90 -36.08 -34.04
C LEU C 30 19.58 -35.64 -35.34
N CYS C 31 19.91 -34.34 -35.42
CA CYS C 31 20.57 -33.73 -36.57
C CYS C 31 21.76 -32.90 -36.15
N ARG C 32 22.78 -32.83 -37.02
CA ARG C 32 23.93 -31.98 -36.82
C ARG C 32 23.79 -30.85 -37.83
N TYR C 33 23.46 -29.64 -37.36
CA TYR C 33 23.35 -28.49 -38.25
C TYR C 33 24.75 -27.96 -38.48
N ASP C 34 25.32 -28.28 -39.65
CA ASP C 34 26.66 -27.84 -40.00
C ASP C 34 26.71 -27.22 -41.39
N PRO C 35 26.68 -25.85 -41.45
CA PRO C 35 26.75 -25.18 -42.75
C PRO C 35 28.14 -25.24 -43.40
N LEU C 36 29.21 -25.45 -42.59
CA LEU C 36 30.59 -25.57 -43.05
C LEU C 36 30.85 -26.89 -43.79
N GLY C 37 30.23 -27.97 -43.30
CA GLY C 37 30.34 -29.32 -43.86
C GLY C 37 31.47 -30.15 -43.30
N ASP C 38 32.19 -29.62 -42.28
CA ASP C 38 33.33 -30.27 -41.63
C ASP C 38 32.94 -31.14 -40.40
N ASN C 39 31.62 -31.43 -40.22
CA ASN C 39 31.01 -32.24 -39.13
C ASN C 39 31.27 -31.65 -37.71
N THR C 40 31.51 -30.31 -37.62
CA THR C 40 31.78 -29.60 -36.36
C THR C 40 30.55 -28.86 -35.82
N GLY C 41 29.45 -28.87 -36.59
CA GLY C 41 28.20 -28.22 -36.23
C GLY C 41 27.52 -28.75 -34.98
N ALA C 42 26.61 -27.96 -34.43
CA ALA C 42 25.89 -28.29 -33.21
C ALA C 42 24.84 -29.38 -33.43
N LEU C 43 24.61 -30.21 -32.40
CA LEU C 43 23.60 -31.27 -32.44
C LEU C 43 22.28 -30.70 -31.96
N VAL C 44 21.24 -30.83 -32.79
CA VAL C 44 19.91 -30.32 -32.50
C VAL C 44 18.84 -31.39 -32.69
N ALA C 45 17.74 -31.28 -31.93
CA ALA C 45 16.58 -32.18 -32.06
C ALA C 45 15.63 -31.50 -33.04
N VAL C 46 15.25 -32.21 -34.11
CA VAL C 46 14.39 -31.65 -35.16
C VAL C 46 13.05 -32.40 -35.25
N LYS C 47 11.95 -31.66 -35.05
CA LYS C 47 10.59 -32.20 -35.10
C LYS C 47 9.92 -31.87 -36.43
N GLN C 48 9.33 -32.88 -37.06
CA GLN C 48 8.62 -32.76 -38.34
C GLN C 48 7.35 -33.60 -38.28
N LEU C 49 6.37 -33.29 -39.14
CA LEU C 49 5.09 -34.00 -39.20
C LEU C 49 5.08 -34.99 -40.37
N GLN C 50 4.60 -36.21 -40.13
CA GLN C 50 4.60 -37.20 -41.21
C GLN C 50 3.23 -37.30 -41.90
N HIS C 51 2.34 -38.24 -41.48
CA HIS C 51 1.03 -38.36 -42.10
C HIS C 51 0.25 -37.06 -41.88
N SER C 52 -0.01 -36.69 -40.61
CA SER C 52 -0.71 -35.47 -40.17
C SER C 52 -2.05 -35.19 -40.93
N GLY C 53 -2.44 -33.91 -40.97
CA GLY C 53 -3.67 -33.42 -41.58
C GLY C 53 -3.88 -31.97 -41.19
N PRO C 54 -4.99 -31.32 -41.61
CA PRO C 54 -5.19 -29.90 -41.25
C PRO C 54 -5.10 -29.62 -39.74
N ASP C 55 -5.75 -30.47 -38.90
CA ASP C 55 -5.76 -30.36 -37.44
C ASP C 55 -4.37 -30.41 -36.81
N GLN C 56 -3.54 -31.39 -37.23
CA GLN C 56 -2.20 -31.63 -36.75
C GLN C 56 -1.22 -30.54 -37.17
N GLN C 57 -1.36 -30.03 -38.41
CA GLN C 57 -0.49 -28.99 -38.97
C GLN C 57 -0.70 -27.67 -38.24
N ARG C 58 -1.96 -27.37 -37.90
CA ARG C 58 -2.29 -26.15 -37.17
C ARG C 58 -1.85 -26.23 -35.72
N ASP C 59 -1.99 -27.42 -35.08
CA ASP C 59 -1.59 -27.64 -33.70
C ASP C 59 -0.07 -27.61 -33.55
N PHE C 60 0.66 -28.02 -34.61
CA PHE C 60 2.13 -27.98 -34.65
C PHE C 60 2.60 -26.53 -34.77
N GLN C 61 1.91 -25.74 -35.60
CA GLN C 61 2.15 -24.32 -35.84
C GLN C 61 2.01 -23.55 -34.50
N ARG C 62 0.96 -23.90 -33.70
CA ARG C 62 0.63 -23.40 -32.35
C ARG C 62 1.79 -23.74 -31.39
N GLU C 63 2.19 -25.03 -31.35
CA GLU C 63 3.26 -25.59 -30.52
C GLU C 63 4.56 -24.81 -30.71
N ILE C 64 4.97 -24.57 -31.97
CA ILE C 64 6.19 -23.82 -32.31
C ILE C 64 6.17 -22.41 -31.67
N GLN C 65 5.03 -21.69 -31.78
CA GLN C 65 4.86 -20.34 -31.24
C GLN C 65 4.95 -20.32 -29.73
N ILE C 66 4.33 -21.32 -29.06
CA ILE C 66 4.32 -21.46 -27.60
C ILE C 66 5.74 -21.71 -27.13
N LEU C 67 6.43 -22.72 -27.71
CA LEU C 67 7.82 -23.05 -27.34
C LEU C 67 8.77 -21.86 -27.54
N LYS C 68 8.60 -21.11 -28.64
CA LYS C 68 9.37 -19.91 -29.00
C LYS C 68 9.28 -18.83 -27.90
N ALA C 69 8.10 -18.68 -27.28
CA ALA C 69 7.84 -17.66 -26.26
C ALA C 69 8.21 -18.07 -24.83
N LEU C 70 8.49 -19.35 -24.58
CA LEU C 70 8.85 -19.81 -23.24
C LEU C 70 10.35 -19.79 -23.01
N HIS C 71 10.79 -19.06 -21.97
CA HIS C 71 12.20 -18.94 -21.59
C HIS C 71 12.41 -19.31 -20.12
N SER C 72 12.66 -20.59 -19.89
CA SER C 72 12.91 -21.17 -18.57
C SER C 72 14.02 -22.21 -18.67
N ASP C 73 14.86 -22.28 -17.63
CA ASP C 73 15.97 -23.24 -17.53
C ASP C 73 15.43 -24.66 -17.38
N PHE C 74 14.11 -24.82 -17.14
CA PHE C 74 13.47 -26.10 -16.91
C PHE C 74 12.42 -26.47 -17.97
N ILE C 75 12.48 -25.79 -19.12
CA ILE C 75 11.63 -26.02 -20.29
C ILE C 75 12.58 -26.09 -21.50
N VAL C 76 12.47 -27.19 -22.28
CA VAL C 76 13.29 -27.46 -23.48
C VAL C 76 13.35 -26.22 -24.39
N LYS C 77 14.59 -25.82 -24.74
CA LYS C 77 14.90 -24.62 -25.52
C LYS C 77 14.58 -24.74 -26.98
N TYR C 78 13.80 -23.77 -27.49
CA TYR C 78 13.48 -23.61 -28.90
C TYR C 78 14.74 -23.02 -29.52
N ARG C 79 15.19 -23.57 -30.65
CA ARG C 79 16.37 -23.04 -31.33
C ARG C 79 15.96 -22.23 -32.56
N GLY C 80 15.03 -22.76 -33.34
CA GLY C 80 14.52 -22.10 -34.54
C GLY C 80 13.62 -22.97 -35.39
N VAL C 81 13.50 -22.65 -36.69
CA VAL C 81 12.67 -23.40 -37.66
C VAL C 81 13.43 -23.69 -38.95
N SER C 82 12.96 -24.71 -39.69
CA SER C 82 13.49 -25.09 -40.99
C SER C 82 12.30 -25.27 -41.97
N TYR C 83 12.31 -24.51 -43.08
CA TYR C 83 11.25 -24.57 -44.09
C TYR C 83 11.66 -25.45 -45.26
N GLU C 89 6.97 -27.71 -45.76
CA GLU C 89 7.70 -28.73 -45.01
C GLU C 89 8.35 -28.11 -43.76
N LEU C 90 7.53 -27.54 -42.84
CA LEU C 90 8.00 -26.93 -41.59
C LEU C 90 8.59 -27.94 -40.62
N ARG C 91 9.72 -27.55 -40.00
CA ARG C 91 10.45 -28.33 -39.01
C ARG C 91 10.75 -27.44 -37.80
N LEU C 92 10.54 -27.98 -36.60
CA LEU C 92 10.80 -27.30 -35.33
C LEU C 92 12.18 -27.75 -34.85
N VAL C 93 13.09 -26.78 -34.66
CA VAL C 93 14.45 -27.07 -34.20
C VAL C 93 14.57 -26.72 -32.73
N MET C 94 14.95 -27.70 -31.90
CA MET C 94 15.09 -27.58 -30.44
C MET C 94 16.47 -28.03 -29.99
N GLU C 95 16.82 -27.73 -28.72
CA GLU C 95 18.08 -28.17 -28.16
C GLU C 95 18.06 -29.69 -27.97
N TYR C 96 19.24 -30.32 -27.96
CA TYR C 96 19.37 -31.76 -27.80
C TYR C 96 19.81 -32.11 -26.40
N LEU C 97 18.94 -32.77 -25.64
CA LEU C 97 19.20 -33.27 -24.29
C LEU C 97 19.72 -34.70 -24.45
N PRO C 98 21.04 -34.94 -24.24
CA PRO C 98 21.60 -36.26 -24.58
C PRO C 98 21.39 -37.38 -23.57
N SER C 99 20.80 -37.13 -22.37
CA SER C 99 20.57 -38.20 -21.41
C SER C 99 19.21 -38.94 -21.58
N GLY C 100 18.42 -38.55 -22.58
CA GLY C 100 17.11 -39.14 -22.85
C GLY C 100 15.99 -38.61 -21.97
N CYS C 101 14.91 -39.39 -21.79
CA CYS C 101 13.77 -39.00 -20.94
C CYS C 101 13.95 -39.44 -19.49
N LEU C 102 13.23 -38.78 -18.56
CA LEU C 102 13.28 -39.04 -17.11
C LEU C 102 12.81 -40.45 -16.72
N ARG C 103 11.75 -40.99 -17.38
CA ARG C 103 11.24 -42.35 -17.15
C ARG C 103 12.37 -43.37 -17.34
N ASP C 104 13.09 -43.28 -18.48
CA ASP C 104 14.23 -44.14 -18.84
C ASP C 104 15.40 -43.96 -17.87
N PHE C 105 15.74 -42.70 -17.52
CA PHE C 105 16.84 -42.33 -16.62
C PHE C 105 16.73 -42.92 -15.20
N LEU C 106 15.55 -42.81 -14.57
CA LEU C 106 15.30 -43.34 -13.23
C LEU C 106 15.41 -44.86 -13.21
N GLN C 107 14.78 -45.54 -14.20
CA GLN C 107 14.79 -46.99 -14.36
C GLN C 107 16.21 -47.52 -14.44
N ARG C 108 17.07 -46.80 -15.19
CA ARG C 108 18.48 -47.09 -15.46
C ARG C 108 19.40 -46.75 -14.27
N HIS C 109 19.24 -45.56 -13.67
CA HIS C 109 20.11 -45.08 -12.58
C HIS C 109 19.51 -45.21 -11.15
N ARG C 110 18.51 -46.11 -10.95
CA ARG C 110 17.85 -46.33 -9.64
C ARG C 110 18.82 -46.56 -8.47
N ALA C 111 19.88 -47.36 -8.71
CA ALA C 111 20.91 -47.70 -7.72
C ALA C 111 21.70 -46.48 -7.18
N ARG C 112 21.85 -45.43 -8.01
CA ARG C 112 22.60 -44.22 -7.67
C ARG C 112 21.73 -43.06 -7.20
N LEU C 113 20.50 -42.99 -7.69
CA LEU C 113 19.62 -41.86 -7.37
C LEU C 113 18.96 -42.00 -6.00
N ASP C 114 19.30 -41.05 -5.09
CA ASP C 114 18.79 -40.98 -3.72
C ASP C 114 17.56 -40.06 -3.61
N ALA C 115 16.96 -39.98 -2.43
CA ALA C 115 15.78 -39.15 -2.17
C ALA C 115 16.01 -37.66 -2.41
N SER C 116 17.25 -37.17 -2.18
CA SER C 116 17.62 -35.77 -2.38
C SER C 116 17.67 -35.41 -3.87
N ARG C 117 18.11 -36.34 -4.75
CA ARG C 117 18.14 -36.11 -6.21
C ARG C 117 16.71 -36.11 -6.77
N LEU C 118 15.82 -36.96 -6.19
CA LEU C 118 14.41 -37.07 -6.56
C LEU C 118 13.67 -35.78 -6.20
N LEU C 119 14.08 -35.12 -5.10
CA LEU C 119 13.50 -33.86 -4.65
C LEU C 119 13.98 -32.72 -5.54
N LEU C 120 15.24 -32.82 -6.03
CA LEU C 120 15.84 -31.83 -6.93
C LEU C 120 15.04 -31.77 -8.23
N TYR C 121 14.72 -32.94 -8.82
CA TYR C 121 13.93 -33.03 -10.05
C TYR C 121 12.55 -32.46 -9.79
N SER C 122 11.90 -32.92 -8.70
CA SER C 122 10.58 -32.45 -8.26
C SER C 122 10.51 -30.92 -8.26
N SER C 123 11.52 -30.27 -7.63
CA SER C 123 11.66 -28.81 -7.53
C SER C 123 11.80 -28.16 -8.90
N GLN C 124 12.65 -28.74 -9.79
CA GLN C 124 12.91 -28.23 -11.13
C GLN C 124 11.66 -28.28 -12.02
N ILE C 125 10.95 -29.43 -12.01
CA ILE C 125 9.71 -29.63 -12.76
C ILE C 125 8.66 -28.63 -12.27
N CYS C 126 8.63 -28.39 -10.96
CA CYS C 126 7.72 -27.44 -10.33
C CYS C 126 7.99 -26.00 -10.78
N LYS C 127 9.28 -25.59 -10.81
CA LYS C 127 9.71 -24.26 -11.26
C LYS C 127 9.29 -24.01 -12.71
N GLY C 128 9.52 -25.00 -13.59
CA GLY C 128 9.17 -24.95 -15.00
C GLY C 128 7.67 -24.88 -15.21
N MET C 129 6.93 -25.68 -14.42
CA MET C 129 5.48 -25.75 -14.37
C MET C 129 4.89 -24.42 -13.89
N GLU C 130 5.57 -23.75 -12.97
CA GLU C 130 5.18 -22.45 -12.42
C GLU C 130 5.32 -21.38 -13.51
N TYR C 131 6.44 -21.38 -14.27
CA TYR C 131 6.70 -20.42 -15.36
C TYR C 131 5.63 -20.56 -16.42
N LEU C 132 5.36 -21.83 -16.82
CA LEU C 132 4.34 -22.26 -17.78
C LEU C 132 2.99 -21.64 -17.42
N GLY C 133 2.62 -21.73 -16.14
CA GLY C 133 1.38 -21.18 -15.60
C GLY C 133 1.28 -19.67 -15.69
N SER C 134 2.40 -18.97 -15.43
CA SER C 134 2.48 -17.50 -15.49
C SER C 134 2.30 -17.02 -16.93
N ARG C 135 2.68 -17.86 -17.91
CA ARG C 135 2.53 -17.59 -19.33
C ARG C 135 1.15 -18.02 -19.84
N ARG C 136 0.24 -18.37 -18.89
CA ARG C 136 -1.15 -18.78 -19.07
C ARG C 136 -1.28 -19.99 -20.00
N CYS C 137 -0.34 -20.91 -19.86
CA CYS C 137 -0.21 -22.12 -20.66
C CYS C 137 -0.48 -23.38 -19.84
N VAL C 138 -1.18 -24.35 -20.44
CA VAL C 138 -1.49 -25.65 -19.81
C VAL C 138 -0.79 -26.72 -20.65
N HIS C 139 0.05 -27.55 -20.00
CA HIS C 139 0.82 -28.61 -20.65
C HIS C 139 -0.05 -29.75 -21.21
N ARG C 140 -1.02 -30.24 -20.40
CA ARG C 140 -1.98 -31.32 -20.65
C ARG C 140 -1.39 -32.74 -20.62
N ASP C 141 -0.06 -32.91 -20.77
CA ASP C 141 0.57 -34.24 -20.79
C ASP C 141 1.86 -34.27 -19.95
N LEU C 142 1.73 -33.92 -18.68
CA LEU C 142 2.82 -33.88 -17.71
C LEU C 142 3.01 -35.28 -17.12
N ALA C 143 4.07 -35.96 -17.56
CA ALA C 143 4.43 -37.32 -17.15
C ALA C 143 5.96 -37.45 -17.19
N ALA C 144 6.52 -38.43 -16.45
CA ALA C 144 7.97 -38.67 -16.40
C ALA C 144 8.60 -39.01 -17.77
N ARG C 145 7.78 -39.53 -18.71
CA ARG C 145 8.22 -39.85 -20.07
C ARG C 145 8.39 -38.55 -20.89
N ASN C 146 7.70 -37.46 -20.50
CA ASN C 146 7.75 -36.16 -21.18
C ASN C 146 8.71 -35.17 -20.53
N ILE C 147 9.43 -35.61 -19.50
CA ILE C 147 10.47 -34.80 -18.86
C ILE C 147 11.79 -35.33 -19.44
N LEU C 148 12.67 -34.43 -19.88
CA LEU C 148 13.97 -34.80 -20.45
C LEU C 148 15.09 -34.51 -19.47
N VAL C 149 16.19 -35.27 -19.55
CA VAL C 149 17.36 -35.17 -18.67
C VAL C 149 18.52 -34.49 -19.38
N GLU C 150 19.03 -33.40 -18.79
CA GLU C 150 20.21 -32.69 -19.30
C GLU C 150 21.44 -33.37 -18.68
N SER C 151 21.40 -33.59 -17.36
CA SER C 151 22.44 -34.24 -16.58
C SER C 151 21.81 -34.79 -15.32
N GLU C 152 22.62 -35.50 -14.51
CA GLU C 152 22.28 -36.08 -13.21
C GLU C 152 21.62 -35.03 -12.29
N ALA C 153 21.97 -33.75 -12.49
CA ALA C 153 21.50 -32.62 -11.69
C ALA C 153 20.59 -31.62 -12.43
N HIS C 154 20.06 -31.99 -13.62
CA HIS C 154 19.21 -31.08 -14.39
C HIS C 154 18.18 -31.79 -15.25
N VAL C 155 16.90 -31.37 -15.11
CA VAL C 155 15.75 -31.87 -15.89
C VAL C 155 15.01 -30.70 -16.56
N LYS C 156 14.36 -30.96 -17.70
CA LYS C 156 13.60 -29.97 -18.49
C LYS C 156 12.28 -30.58 -18.98
N ILE C 157 11.18 -29.80 -18.89
CA ILE C 157 9.84 -30.21 -19.36
C ILE C 157 9.82 -30.09 -20.88
N ALA C 158 9.42 -31.18 -21.55
CA ALA C 158 9.35 -31.24 -23.01
C ALA C 158 7.96 -31.64 -23.52
N ASP C 159 7.83 -31.91 -24.83
CA ASP C 159 6.61 -32.29 -25.56
C ASP C 159 5.40 -31.38 -25.22
N PHE C 160 5.35 -30.22 -25.89
CA PHE C 160 4.29 -29.23 -25.75
C PHE C 160 3.30 -29.37 -26.94
N GLY C 161 3.25 -30.58 -27.51
CA GLY C 161 2.35 -30.90 -28.62
C GLY C 161 0.88 -30.89 -28.25
N LEU C 162 0.58 -31.19 -26.98
CA LEU C 162 -0.76 -31.25 -26.41
C LEU C 162 -1.07 -29.96 -25.64
N ALA C 163 -0.04 -29.10 -25.45
CA ALA C 163 -0.15 -27.83 -24.73
C ALA C 163 -1.17 -26.86 -25.33
N LYS C 164 -2.01 -26.29 -24.45
CA LYS C 164 -3.05 -25.35 -24.81
C LYS C 164 -2.85 -24.08 -24.04
N LEU C 165 -3.01 -22.94 -24.71
CA LEU C 165 -2.95 -21.64 -24.08
C LEU C 165 -4.37 -21.32 -23.57
N LEU C 166 -4.46 -20.79 -22.34
CA LEU C 166 -5.75 -20.48 -21.72
C LEU C 166 -6.55 -19.40 -22.48
N PRO C 167 -7.88 -19.59 -22.69
CA PRO C 167 -8.66 -18.52 -23.36
C PRO C 167 -8.62 -17.26 -22.52
N LEU C 168 -8.35 -16.10 -23.14
CA LEU C 168 -8.21 -14.80 -22.46
C LEU C 168 -9.31 -14.45 -21.43
N ASP C 169 -10.54 -14.99 -21.59
CA ASP C 169 -11.66 -14.71 -20.66
C ASP C 169 -11.95 -15.85 -19.66
N LYS C 170 -11.09 -16.90 -19.60
CA LYS C 170 -11.26 -18.04 -18.68
C LYS C 170 -9.92 -18.62 -18.15
N ASP C 171 -9.98 -19.39 -17.05
CA ASP C 171 -8.81 -20.05 -16.47
C ASP C 171 -8.84 -21.56 -16.71
N VAL C 174 -11.77 -26.53 -22.36
CA VAL C 174 -12.53 -27.76 -22.56
C VAL C 174 -12.13 -28.33 -23.93
N VAL C 175 -11.41 -29.47 -23.92
CA VAL C 175 -10.90 -30.10 -25.16
C VAL C 175 -11.82 -31.27 -25.61
N ARG C 176 -12.01 -31.40 -26.94
CA ARG C 176 -12.86 -32.43 -27.55
C ARG C 176 -12.17 -33.80 -27.48
N PRO C 182 -3.49 -41.65 -21.97
CA PRO C 182 -2.79 -41.15 -20.77
C PRO C 182 -3.78 -40.70 -19.67
N ILE C 183 -4.88 -41.46 -19.52
CA ILE C 183 -5.98 -41.20 -18.57
C ILE C 183 -5.60 -41.37 -17.08
N PHE C 184 -4.49 -42.07 -16.75
CA PHE C 184 -4.05 -42.29 -15.36
C PHE C 184 -3.37 -41.07 -14.72
N TRP C 185 -3.00 -40.07 -15.54
CA TRP C 185 -2.38 -38.82 -15.12
C TRP C 185 -3.41 -37.69 -15.10
N TYR C 186 -4.60 -37.92 -15.72
CA TYR C 186 -5.69 -36.95 -15.82
C TYR C 186 -6.52 -36.83 -14.54
N ALA C 187 -6.85 -35.57 -14.18
CA ALA C 187 -7.66 -35.16 -13.03
C ALA C 187 -9.14 -35.57 -13.20
N PRO C 188 -9.94 -35.71 -12.11
CA PRO C 188 -11.35 -36.12 -12.29
C PRO C 188 -12.13 -35.33 -13.36
N GLU C 189 -12.01 -33.98 -13.36
CA GLU C 189 -12.67 -33.06 -14.29
C GLU C 189 -12.16 -33.23 -15.74
N SER C 190 -10.91 -33.70 -15.91
CA SER C 190 -10.30 -33.97 -17.21
C SER C 190 -10.87 -35.26 -17.82
N LEU C 191 -11.39 -36.15 -16.96
CA LEU C 191 -11.99 -37.43 -17.36
C LEU C 191 -13.49 -37.28 -17.59
N SER C 192 -14.17 -36.47 -16.75
CA SER C 192 -15.62 -36.29 -16.78
C SER C 192 -16.10 -35.26 -17.79
N ASP C 193 -15.58 -34.03 -17.69
CA ASP C 193 -16.02 -32.93 -18.54
C ASP C 193 -14.90 -32.37 -19.43
N ASN C 194 -13.79 -33.14 -19.56
CA ASN C 194 -12.60 -32.84 -20.37
C ASN C 194 -12.07 -31.40 -20.19
N ILE C 195 -12.11 -30.91 -18.94
CA ILE C 195 -11.64 -29.58 -18.55
C ILE C 195 -10.17 -29.70 -18.22
N PHE C 196 -9.38 -28.69 -18.64
CA PHE C 196 -7.95 -28.60 -18.39
C PHE C 196 -7.61 -27.19 -17.90
N SER C 197 -6.95 -27.11 -16.73
CA SER C 197 -6.55 -25.87 -16.10
C SER C 197 -5.12 -25.99 -15.58
N ARG C 198 -4.62 -24.93 -14.93
CA ARG C 198 -3.30 -24.92 -14.30
C ARG C 198 -3.38 -25.86 -13.09
N GLN C 199 -4.59 -25.98 -12.53
CA GLN C 199 -4.93 -26.82 -11.38
C GLN C 199 -4.99 -28.31 -11.74
N SER C 200 -5.34 -28.65 -13.01
CA SER C 200 -5.37 -30.03 -13.49
C SER C 200 -3.92 -30.49 -13.74
N ASP C 201 -3.01 -29.54 -14.09
CA ASP C 201 -1.58 -29.78 -14.30
C ASP C 201 -0.94 -30.13 -12.95
N VAL C 202 -1.48 -29.54 -11.85
CA VAL C 202 -1.06 -29.79 -10.46
C VAL C 202 -1.36 -31.26 -10.11
N TRP C 203 -2.55 -31.77 -10.51
CA TRP C 203 -2.96 -33.17 -10.31
C TRP C 203 -1.94 -34.11 -10.97
N SER C 204 -1.60 -33.82 -12.26
CA SER C 204 -0.62 -34.57 -13.05
C SER C 204 0.76 -34.52 -12.38
N PHE C 205 1.11 -33.37 -11.74
CA PHE C 205 2.36 -33.20 -11.02
C PHE C 205 2.45 -34.16 -9.84
N GLY C 206 1.34 -34.35 -9.12
CA GLY C 206 1.24 -35.28 -8.00
C GLY C 206 1.52 -36.70 -8.47
N VAL C 207 1.05 -37.05 -9.68
CA VAL C 207 1.30 -38.35 -10.33
C VAL C 207 2.81 -38.44 -10.69
N VAL C 208 3.40 -37.34 -11.22
CA VAL C 208 4.82 -37.22 -11.61
C VAL C 208 5.69 -37.45 -10.36
N LEU C 209 5.25 -36.89 -9.22
CA LEU C 209 5.89 -37.02 -7.91
C LEU C 209 5.90 -38.50 -7.49
N TYR C 210 4.78 -39.22 -7.73
CA TYR C 210 4.64 -40.66 -7.46
C TYR C 210 5.61 -41.43 -8.35
N GLU C 211 5.68 -41.06 -9.67
CA GLU C 211 6.56 -41.66 -10.66
C GLU C 211 8.02 -41.59 -10.24
N LEU C 212 8.44 -40.44 -9.70
CA LEU C 212 9.80 -40.20 -9.23
C LEU C 212 10.19 -41.08 -8.04
N PHE C 213 9.35 -41.10 -6.98
CA PHE C 213 9.65 -41.85 -5.76
C PHE C 213 9.38 -43.38 -5.88
N THR C 214 9.02 -43.85 -7.10
CA THR C 214 8.86 -45.27 -7.42
C THR C 214 9.97 -45.65 -8.40
N TYR C 215 10.71 -44.63 -8.91
CA TYR C 215 11.79 -44.70 -9.91
C TYR C 215 11.23 -45.30 -11.21
N CYS C 216 9.98 -44.88 -11.56
CA CYS C 216 9.22 -45.31 -12.74
C CYS C 216 9.18 -46.84 -12.92
N ASP C 217 9.00 -47.58 -11.80
CA ASP C 217 8.91 -49.04 -11.80
C ASP C 217 7.61 -49.49 -12.47
N LYS C 218 7.74 -50.34 -13.50
CA LYS C 218 6.67 -50.89 -14.33
C LYS C 218 5.62 -51.64 -13.49
N SER C 219 6.08 -52.41 -12.49
CA SER C 219 5.24 -53.22 -11.59
C SER C 219 4.27 -52.38 -10.77
N CYS C 220 4.73 -51.22 -10.27
CA CYS C 220 3.93 -50.30 -9.47
C CYS C 220 3.77 -48.92 -10.13
N SER C 221 3.58 -48.91 -11.46
CA SER C 221 3.38 -47.69 -12.25
C SER C 221 1.94 -47.17 -12.06
N PRO C 222 1.61 -45.88 -12.35
CA PRO C 222 0.21 -45.42 -12.19
C PRO C 222 -0.81 -46.27 -12.97
N SER C 223 -0.40 -46.78 -14.15
CA SER C 223 -1.22 -47.66 -14.99
C SER C 223 -1.50 -49.00 -14.28
N ALA C 224 -0.44 -49.70 -13.82
CA ALA C 224 -0.51 -50.98 -13.12
C ALA C 224 -1.30 -50.94 -11.81
N GLU C 225 -1.07 -49.89 -10.98
CA GLU C 225 -1.74 -49.73 -9.69
C GLU C 225 -3.23 -49.44 -9.80
N PHE C 226 -3.62 -48.56 -10.76
CA PHE C 226 -5.03 -48.20 -10.98
C PHE C 226 -5.85 -49.34 -11.57
N LEU C 227 -5.24 -50.12 -12.49
CA LEU C 227 -5.91 -51.28 -13.09
C LEU C 227 -6.11 -52.39 -12.05
N ARG C 228 -5.21 -52.46 -11.05
CA ARG C 228 -5.29 -53.39 -9.92
C ARG C 228 -6.44 -52.96 -9.00
N MET C 229 -6.58 -51.63 -8.79
CA MET C 229 -7.62 -51.01 -7.96
C MET C 229 -9.02 -51.15 -8.57
N MET C 230 -9.12 -51.50 -9.86
CA MET C 230 -10.40 -51.68 -10.54
C MET C 230 -10.50 -53.02 -11.28
N ALA C 238 -14.64 -48.53 -18.57
CA ALA C 238 -13.25 -48.54 -18.12
C ALA C 238 -12.78 -47.17 -17.57
N LEU C 239 -13.14 -46.08 -18.27
CA LEU C 239 -12.83 -44.69 -17.90
C LEU C 239 -13.77 -44.24 -16.77
N CYS C 240 -15.04 -44.72 -16.79
CA CYS C 240 -16.05 -44.43 -15.77
C CYS C 240 -15.69 -45.12 -14.46
N ARG C 241 -15.04 -46.29 -14.55
CA ARG C 241 -14.56 -47.11 -13.45
C ARG C 241 -13.39 -46.42 -12.71
N LEU C 242 -12.54 -45.66 -13.45
CA LEU C 242 -11.42 -44.89 -12.87
C LEU C 242 -11.95 -43.66 -12.14
N LEU C 243 -12.95 -42.96 -12.74
CA LEU C 243 -13.60 -41.78 -12.18
C LEU C 243 -14.33 -42.11 -10.89
N GLU C 244 -14.93 -43.31 -10.83
CA GLU C 244 -15.65 -43.82 -9.66
C GLU C 244 -14.70 -43.94 -8.47
N LEU C 245 -13.46 -44.46 -8.71
CA LEU C 245 -12.42 -44.62 -7.67
C LEU C 245 -12.02 -43.26 -7.11
N LEU C 246 -11.65 -42.32 -8.00
CA LEU C 246 -11.22 -40.97 -7.66
C LEU C 246 -12.31 -40.18 -6.90
N GLU C 247 -13.59 -40.44 -7.24
CA GLU C 247 -14.75 -39.83 -6.56
C GLU C 247 -14.93 -40.45 -5.17
N GLU C 248 -14.62 -41.77 -5.03
CA GLU C 248 -14.70 -42.53 -3.78
C GLU C 248 -13.55 -42.19 -2.80
N GLY C 249 -12.54 -41.46 -3.30
CA GLY C 249 -11.38 -41.05 -2.51
C GLY C 249 -10.17 -41.95 -2.69
N GLN C 250 -10.27 -42.94 -3.59
CA GLN C 250 -9.20 -43.87 -3.90
C GLN C 250 -8.07 -43.16 -4.63
N ARG C 251 -6.85 -43.30 -4.10
CA ARG C 251 -5.64 -42.66 -4.66
C ARG C 251 -4.51 -43.69 -4.76
N LEU C 252 -3.40 -43.31 -5.44
CA LEU C 252 -2.22 -44.16 -5.57
C LEU C 252 -1.57 -44.35 -4.18
N PRO C 253 -1.06 -45.55 -3.84
CA PRO C 253 -0.46 -45.74 -2.51
C PRO C 253 0.86 -45.00 -2.34
N ALA C 254 1.25 -44.73 -1.08
CA ALA C 254 2.50 -44.04 -0.78
C ALA C 254 3.67 -44.89 -1.24
N PRO C 255 4.49 -44.42 -2.24
CA PRO C 255 5.61 -45.24 -2.72
C PRO C 255 6.53 -45.75 -1.61
N PRO C 256 7.13 -46.96 -1.73
CA PRO C 256 8.02 -47.47 -0.67
C PRO C 256 9.19 -46.53 -0.37
N ALA C 257 9.48 -46.35 0.93
CA ALA C 257 10.54 -45.49 1.49
C ALA C 257 10.42 -43.98 1.12
N CYS C 258 9.24 -43.57 0.61
CA CYS C 258 8.96 -42.19 0.23
C CYS C 258 8.82 -41.31 1.49
N PRO C 259 9.56 -40.17 1.57
CA PRO C 259 9.42 -39.30 2.75
C PRO C 259 7.99 -38.83 2.96
N ALA C 260 7.48 -38.98 4.20
CA ALA C 260 6.11 -38.65 4.62
C ALA C 260 5.55 -37.34 4.07
N GLU C 261 6.33 -36.24 4.18
CA GLU C 261 5.98 -34.89 3.74
C GLU C 261 5.74 -34.83 2.23
N VAL C 262 6.49 -35.62 1.44
CA VAL C 262 6.33 -35.67 -0.02
C VAL C 262 4.99 -36.33 -0.36
N HIS C 263 4.66 -37.43 0.33
CA HIS C 263 3.38 -38.12 0.14
C HIS C 263 2.20 -37.21 0.51
N GLU C 264 2.35 -36.37 1.55
CA GLU C 264 1.32 -35.41 1.99
C GLU C 264 1.05 -34.34 0.92
N LEU C 265 2.10 -33.95 0.15
CA LEU C 265 1.99 -32.99 -0.95
C LEU C 265 1.30 -33.67 -2.14
N MET C 266 1.57 -34.97 -2.37
CA MET C 266 0.95 -35.77 -3.44
C MET C 266 -0.55 -35.80 -3.20
N LYS C 267 -0.96 -36.07 -1.94
CA LYS C 267 -2.35 -36.15 -1.49
C LYS C 267 -3.07 -34.83 -1.71
N LEU C 268 -2.39 -33.69 -1.47
CA LEU C 268 -2.94 -32.34 -1.67
C LEU C 268 -3.08 -31.99 -3.14
N CYS C 269 -2.16 -32.51 -3.98
CA CYS C 269 -2.16 -32.37 -5.44
C CYS C 269 -3.35 -33.13 -6.01
N TRP C 270 -3.81 -34.17 -5.27
CA TRP C 270 -4.92 -35.04 -5.63
C TRP C 270 -6.22 -34.70 -4.90
N ALA C 271 -6.41 -33.43 -4.51
CA ALA C 271 -7.64 -32.98 -3.87
C ALA C 271 -8.78 -33.06 -4.90
N PRO C 272 -9.99 -33.53 -4.54
CA PRO C 272 -11.07 -33.67 -5.54
C PRO C 272 -11.43 -32.36 -6.24
N SER C 273 -11.49 -31.25 -5.49
CA SER C 273 -11.79 -29.96 -6.09
C SER C 273 -10.50 -29.26 -6.54
N PRO C 274 -10.41 -28.87 -7.83
CA PRO C 274 -9.18 -28.20 -8.32
C PRO C 274 -8.80 -26.90 -7.61
N GLN C 275 -9.81 -26.17 -7.06
CA GLN C 275 -9.60 -24.93 -6.29
C GLN C 275 -8.91 -25.20 -4.92
N ASP C 276 -8.94 -26.47 -4.46
CA ASP C 276 -8.36 -26.94 -3.20
C ASP C 276 -6.95 -27.52 -3.38
N ARG C 277 -6.48 -27.64 -4.65
CA ARG C 277 -5.14 -28.16 -4.96
C ARG C 277 -4.15 -26.99 -4.83
N PRO C 278 -2.90 -27.22 -4.35
CA PRO C 278 -1.94 -26.11 -4.19
C PRO C 278 -1.42 -25.59 -5.52
N SER C 279 -0.93 -24.34 -5.56
CA SER C 279 -0.34 -23.81 -6.79
C SER C 279 1.10 -24.30 -6.89
N PHE C 280 1.72 -24.13 -8.08
CA PHE C 280 3.12 -24.49 -8.26
C PHE C 280 3.99 -23.51 -7.47
N SER C 281 3.48 -22.28 -7.27
CA SER C 281 4.10 -21.21 -6.50
C SER C 281 4.16 -21.57 -5.02
N ALA C 282 3.20 -22.36 -4.54
CA ALA C 282 3.11 -22.83 -3.15
C ALA C 282 3.92 -24.12 -2.96
N LEU C 283 3.89 -25.02 -3.96
CA LEU C 283 4.61 -26.30 -3.92
C LEU C 283 6.13 -26.11 -3.96
N GLY C 284 6.58 -25.24 -4.88
CA GLY C 284 7.98 -24.88 -5.10
C GLY C 284 8.78 -24.78 -3.81
N PRO C 285 8.54 -23.75 -2.96
CA PRO C 285 9.29 -23.64 -1.70
C PRO C 285 9.14 -24.81 -0.72
N GLN C 286 7.99 -25.50 -0.72
CA GLN C 286 7.77 -26.67 0.16
C GLN C 286 8.68 -27.84 -0.18
N LEU C 287 9.02 -28.00 -1.48
CA LEU C 287 9.91 -29.05 -1.98
C LEU C 287 11.36 -28.64 -1.77
N ASP C 288 11.65 -27.33 -2.02
CA ASP C 288 12.96 -26.70 -1.88
C ASP C 288 13.47 -26.79 -0.45
N MET C 289 12.56 -26.61 0.52
CA MET C 289 12.90 -26.67 1.94
C MET C 289 13.04 -28.11 2.42
N LEU C 290 12.37 -29.06 1.73
CA LEU C 290 12.45 -30.49 2.01
C LEU C 290 13.81 -31.04 1.58
N TRP C 291 14.32 -30.56 0.42
CA TRP C 291 15.64 -30.91 -0.14
C TRP C 291 16.76 -30.48 0.82
N SER C 292 16.61 -29.29 1.44
CA SER C 292 17.54 -28.71 2.41
C SER C 292 17.61 -29.61 3.65
N GLY C 293 16.49 -30.26 3.99
CA GLY C 293 16.38 -31.19 5.09
C GLY C 293 17.04 -32.53 4.82
N SER C 294 17.14 -32.91 3.53
CA SER C 294 17.76 -34.16 3.05
C SER C 294 19.29 -34.11 3.18
N ARG C 295 19.88 -32.91 3.03
CA ARG C 295 21.32 -32.60 3.09
C ARG C 295 22.12 -33.19 1.93
N PRO D 6 -8.01 -16.50 32.72
CA PRO D 6 -8.40 -16.67 34.13
C PRO D 6 -8.85 -15.37 34.79
N THR D 7 -9.53 -15.47 35.96
CA THR D 7 -9.97 -14.31 36.74
C THR D 7 -8.77 -13.68 37.47
N ILE D 8 -7.73 -14.49 37.77
CA ILE D 8 -6.51 -14.05 38.43
C ILE D 8 -5.33 -14.18 37.46
N PHE D 9 -4.62 -13.08 37.24
CA PHE D 9 -3.47 -12.98 36.35
C PHE D 9 -2.20 -13.03 37.19
N GLU D 10 -1.40 -14.09 37.02
CA GLU D 10 -0.14 -14.29 37.74
C GLU D 10 0.89 -13.24 37.27
N GLU D 11 1.36 -12.41 38.22
CA GLU D 11 2.29 -11.29 38.06
C GLU D 11 3.53 -11.60 37.22
N ARG D 12 4.24 -12.72 37.52
CA ARG D 12 5.46 -13.15 36.82
C ARG D 12 5.28 -13.33 35.30
N HIS D 13 4.04 -13.61 34.84
CA HIS D 13 3.70 -13.83 33.43
C HIS D 13 3.25 -12.55 32.66
N LEU D 14 3.40 -11.36 33.28
CA LEU D 14 3.01 -10.09 32.65
C LEU D 14 4.22 -9.30 32.13
N LYS D 15 4.53 -9.44 30.82
CA LYS D 15 5.64 -8.77 30.16
C LYS D 15 5.24 -7.33 29.82
N TYR D 16 6.00 -6.34 30.32
CA TYR D 16 5.77 -4.92 30.05
C TYR D 16 6.16 -4.58 28.62
N ILE D 17 5.35 -3.75 27.95
CA ILE D 17 5.63 -3.34 26.57
C ILE D 17 5.79 -1.82 26.49
N SER D 18 4.77 -1.06 26.90
CA SER D 18 4.80 0.41 26.86
C SER D 18 3.83 1.03 27.87
N GLN D 19 3.88 2.37 28.00
CA GLN D 19 3.02 3.15 28.88
C GLN D 19 1.82 3.68 28.06
N LEU D 20 0.58 3.41 28.54
CA LEU D 20 -0.65 3.86 27.90
C LEU D 20 -1.21 5.14 28.55
N GLY D 21 -0.81 5.38 29.80
CA GLY D 21 -1.23 6.54 30.56
C GLY D 21 -0.49 6.72 31.87
N LYS D 22 -0.43 7.97 32.36
CA LYS D 22 0.20 8.30 33.63
C LYS D 22 -0.58 9.44 34.28
N GLY D 23 -1.34 9.10 35.34
CA GLY D 23 -2.13 10.04 36.11
C GLY D 23 -1.34 10.61 37.25
N ASN D 24 -1.98 11.51 38.03
CA ASN D 24 -1.37 12.15 39.21
C ASN D 24 -0.95 11.08 40.22
N PHE D 25 -1.83 10.06 40.39
CA PHE D 25 -1.65 8.89 41.22
C PHE D 25 -1.98 7.68 40.34
N GLY D 26 -1.00 6.83 40.11
CA GLY D 26 -1.18 5.64 39.27
C GLY D 26 -0.83 5.79 37.81
N SER D 27 -0.90 4.66 37.06
CA SER D 27 -0.59 4.58 35.63
C SER D 27 -1.22 3.35 34.94
N VAL D 28 -1.28 3.38 33.59
CA VAL D 28 -1.80 2.31 32.73
C VAL D 28 -0.65 1.84 31.83
N GLU D 29 -0.43 0.52 31.73
CA GLU D 29 0.64 0.02 30.86
C GLU D 29 0.23 -1.20 30.03
N LEU D 30 0.75 -1.25 28.79
CA LEU D 30 0.53 -2.32 27.84
C LEU D 30 1.38 -3.52 28.25
N CYS D 31 0.74 -4.66 28.50
CA CYS D 31 1.38 -5.90 28.89
C CYS D 31 0.92 -7.08 28.04
N ARG D 32 1.80 -8.06 27.83
CA ARG D 32 1.46 -9.29 27.15
C ARG D 32 1.45 -10.37 28.23
N TYR D 33 0.26 -10.85 28.62
CA TYR D 33 0.17 -11.91 29.62
C TYR D 33 0.43 -13.23 28.91
N ASP D 34 1.65 -13.76 29.12
CA ASP D 34 2.11 -14.99 28.49
C ASP D 34 2.71 -15.98 29.50
N PRO D 35 1.89 -16.96 29.98
CA PRO D 35 2.42 -17.94 30.93
C PRO D 35 3.34 -18.98 30.29
N LEU D 36 3.14 -19.28 28.98
CA LEU D 36 3.93 -20.25 28.21
C LEU D 36 5.35 -19.71 27.96
N GLY D 37 5.45 -18.40 27.75
CA GLY D 37 6.71 -17.70 27.50
C GLY D 37 7.12 -17.60 26.04
N ASP D 38 6.28 -18.16 25.13
CA ASP D 38 6.50 -18.22 23.67
C ASP D 38 6.06 -16.96 22.91
N ASN D 39 5.80 -15.84 23.63
CA ASN D 39 5.42 -14.54 23.07
C ASN D 39 4.04 -14.56 22.30
N THR D 40 3.17 -15.54 22.63
CA THR D 40 1.87 -15.74 21.99
C THR D 40 0.68 -15.27 22.83
N GLY D 41 0.96 -14.84 24.07
CA GLY D 41 -0.06 -14.35 25.01
C GLY D 41 -0.83 -13.13 24.56
N ALA D 42 -1.99 -12.91 25.18
CA ALA D 42 -2.87 -11.78 24.85
C ALA D 42 -2.33 -10.46 25.37
N LEU D 43 -2.63 -9.36 24.65
CA LEU D 43 -2.24 -8.00 25.04
C LEU D 43 -3.35 -7.43 25.91
N VAL D 44 -2.97 -7.01 27.13
CA VAL D 44 -3.89 -6.45 28.10
C VAL D 44 -3.40 -5.11 28.64
N ALA D 45 -4.34 -4.24 29.05
CA ALA D 45 -4.04 -2.95 29.66
C ALA D 45 -4.04 -3.20 31.17
N VAL D 46 -2.93 -2.85 31.84
CA VAL D 46 -2.77 -3.09 33.28
C VAL D 46 -2.63 -1.78 34.06
N LYS D 47 -3.57 -1.55 35.00
CA LYS D 47 -3.62 -0.36 35.84
C LYS D 47 -3.07 -0.67 37.23
N GLN D 48 -2.16 0.19 37.70
CA GLN D 48 -1.53 0.09 39.02
C GLN D 48 -1.43 1.47 39.63
N LEU D 49 -1.33 1.54 40.97
CA LEU D 49 -1.23 2.79 41.72
C LEU D 49 0.22 3.09 42.05
N GLN D 50 0.65 4.35 41.82
CA GLN D 50 2.04 4.77 42.07
C GLN D 50 2.28 5.18 43.52
N HIS D 51 2.22 6.50 43.83
CA HIS D 51 2.45 6.96 45.20
C HIS D 51 1.18 6.68 46.02
N SER D 52 0.02 7.18 45.54
CA SER D 52 -1.31 7.01 46.12
C SER D 52 -1.40 7.36 47.63
N GLY D 53 -2.42 6.84 48.29
CA GLY D 53 -2.70 7.05 49.70
C GLY D 53 -3.95 6.29 50.11
N PRO D 54 -4.40 6.37 51.38
CA PRO D 54 -5.60 5.61 51.78
C PRO D 54 -6.82 5.85 50.89
N ASP D 55 -7.10 7.13 50.54
CA ASP D 55 -8.23 7.54 49.69
C ASP D 55 -8.19 6.92 48.28
N GLN D 56 -7.03 6.96 47.63
CA GLN D 56 -6.78 6.45 46.29
C GLN D 56 -6.83 4.92 46.22
N GLN D 57 -6.30 4.25 47.26
CA GLN D 57 -6.26 2.78 47.35
C GLN D 57 -7.66 2.20 47.50
N ARG D 58 -8.50 2.90 48.29
CA ARG D 58 -9.90 2.53 48.55
C ARG D 58 -10.71 2.75 47.28
N ASP D 59 -10.49 3.87 46.59
CA ASP D 59 -11.22 4.23 45.39
C ASP D 59 -10.88 3.29 44.24
N PHE D 60 -9.63 2.79 44.20
CA PHE D 60 -9.15 1.85 43.19
C PHE D 60 -9.81 0.49 43.41
N GLN D 61 -9.90 0.05 44.68
CA GLN D 61 -10.51 -1.19 45.11
C GLN D 61 -12.00 -1.22 44.70
N ARG D 62 -12.69 -0.06 44.86
CA ARG D 62 -14.07 0.23 44.49
C ARG D 62 -14.22 0.11 42.97
N GLU D 63 -13.36 0.84 42.21
CA GLU D 63 -13.29 0.86 40.75
C GLU D 63 -13.23 -0.54 40.16
N ILE D 64 -12.34 -1.41 40.69
CA ILE D 64 -12.17 -2.80 40.24
C ILE D 64 -13.51 -3.56 40.35
N GLN D 65 -14.20 -3.45 41.50
CA GLN D 65 -15.48 -4.12 41.74
C GLN D 65 -16.58 -3.67 40.80
N ILE D 66 -16.64 -2.35 40.53
CA ILE D 66 -17.62 -1.74 39.63
C ILE D 66 -17.38 -2.24 38.21
N LEU D 67 -16.13 -2.14 37.71
CA LEU D 67 -15.79 -2.59 36.37
C LEU D 67 -16.07 -4.08 36.16
N LYS D 68 -15.78 -4.92 37.20
CA LYS D 68 -16.01 -6.36 37.23
C LYS D 68 -17.50 -6.71 37.02
N ALA D 69 -18.41 -5.89 37.57
CA ALA D 69 -19.85 -6.10 37.48
C ALA D 69 -20.52 -5.55 36.21
N LEU D 70 -19.83 -4.69 35.43
CA LEU D 70 -20.41 -4.10 34.23
C LEU D 70 -20.11 -4.93 32.99
N HIS D 71 -21.17 -5.33 32.26
CA HIS D 71 -21.07 -6.14 31.04
C HIS D 71 -21.85 -5.47 29.90
N SER D 72 -21.17 -4.59 29.15
CA SER D 72 -21.72 -3.86 28.01
C SER D 72 -20.68 -3.77 26.90
N ASP D 73 -21.14 -3.83 25.65
CA ASP D 73 -20.30 -3.73 24.45
C ASP D 73 -19.70 -2.33 24.31
N PHE D 74 -20.19 -1.36 25.13
CA PHE D 74 -19.77 0.04 25.07
C PHE D 74 -19.10 0.52 26.34
N ILE D 75 -18.64 -0.42 27.18
CA ILE D 75 -17.91 -0.19 28.43
C ILE D 75 -16.71 -1.12 28.40
N VAL D 76 -15.49 -0.56 28.58
CA VAL D 76 -14.21 -1.28 28.59
C VAL D 76 -14.29 -2.53 29.49
N LYS D 77 -13.90 -3.68 28.91
CA LYS D 77 -13.97 -5.00 29.52
C LYS D 77 -12.94 -5.26 30.57
N TYR D 78 -13.41 -5.67 31.76
CA TYR D 78 -12.58 -6.09 32.89
C TYR D 78 -12.09 -7.50 32.51
N ARG D 79 -10.80 -7.75 32.67
CA ARG D 79 -10.26 -9.07 32.38
C ARG D 79 -10.00 -9.86 33.70
N GLY D 80 -9.39 -9.18 34.68
CA GLY D 80 -9.08 -9.77 35.98
C GLY D 80 -8.21 -8.88 36.85
N VAL D 81 -7.51 -9.49 37.84
CA VAL D 81 -6.59 -8.81 38.75
C VAL D 81 -5.24 -9.51 38.88
N SER D 82 -4.22 -8.77 39.34
CA SER D 82 -2.88 -9.27 39.59
C SER D 82 -2.41 -8.77 40.95
N TYR D 83 -2.07 -9.69 41.87
CA TYR D 83 -1.63 -9.36 43.22
C TYR D 83 -0.10 -9.37 43.33
N GLU D 89 0.14 -5.13 46.33
CA GLU D 89 0.46 -4.55 45.03
C GLU D 89 -0.58 -4.95 43.97
N LEU D 90 -1.85 -4.55 44.21
CA LEU D 90 -2.99 -4.83 43.32
C LEU D 90 -2.86 -4.12 41.98
N ARG D 91 -3.21 -4.88 40.92
CA ARG D 91 -3.23 -4.42 39.53
C ARG D 91 -4.56 -4.81 38.90
N LEU D 92 -5.16 -3.87 38.16
CA LEU D 92 -6.43 -4.06 37.45
C LEU D 92 -6.09 -4.41 36.01
N VAL D 93 -6.55 -5.58 35.54
CA VAL D 93 -6.30 -6.05 34.18
C VAL D 93 -7.56 -5.84 33.34
N MET D 94 -7.43 -5.08 32.25
CA MET D 94 -8.51 -4.73 31.33
C MET D 94 -8.16 -5.10 29.89
N GLU D 95 -9.15 -5.06 28.98
CA GLU D 95 -8.90 -5.31 27.57
C GLU D 95 -8.10 -4.14 26.98
N TYR D 96 -7.38 -4.39 25.88
CA TYR D 96 -6.56 -3.38 25.24
C TYR D 96 -7.22 -2.89 23.97
N LEU D 97 -7.63 -1.60 23.97
CA LEU D 97 -8.22 -0.91 22.82
C LEU D 97 -7.04 -0.24 22.09
N PRO D 98 -6.65 -0.78 20.92
CA PRO D 98 -5.40 -0.30 20.28
C PRO D 98 -5.52 1.01 19.50
N SER D 99 -6.75 1.60 19.40
CA SER D 99 -6.90 2.82 18.64
C SER D 99 -6.79 4.12 19.47
N GLY D 100 -6.44 3.99 20.76
CA GLY D 100 -6.27 5.12 21.69
C GLY D 100 -7.58 5.72 22.19
N CYS D 101 -7.56 7.00 22.65
CA CYS D 101 -8.77 7.69 23.15
C CYS D 101 -9.50 8.45 22.03
N LEU D 102 -10.82 8.75 22.24
CA LEU D 102 -11.69 9.44 21.28
C LEU D 102 -11.26 10.89 20.99
N ARG D 103 -10.76 11.64 22.02
CA ARG D 103 -10.25 13.01 21.85
C ARG D 103 -9.15 13.03 20.80
N ASP D 104 -8.14 12.12 20.94
CA ASP D 104 -7.01 11.97 20.03
C ASP D 104 -7.47 11.53 18.63
N PHE D 105 -8.39 10.55 18.56
CA PHE D 105 -8.94 9.97 17.32
C PHE D 105 -9.63 11.00 16.42
N LEU D 106 -10.54 11.83 16.98
CA LEU D 106 -11.27 12.87 16.23
C LEU D 106 -10.29 13.92 15.72
N GLN D 107 -9.32 14.33 16.58
CA GLN D 107 -8.27 15.31 16.29
C GLN D 107 -7.38 14.91 15.10
N ARG D 108 -7.05 13.62 15.02
CA ARG D 108 -6.20 13.01 14.00
C ARG D 108 -6.97 12.64 12.72
N HIS D 109 -8.22 12.14 12.85
CA HIS D 109 -9.03 11.67 11.72
C HIS D 109 -10.19 12.60 11.29
N ARG D 110 -10.17 13.91 11.68
CA ARG D 110 -11.18 14.93 11.35
C ARG D 110 -11.59 14.96 9.87
N ALA D 111 -10.60 14.85 8.97
CA ALA D 111 -10.80 14.84 7.51
C ALA D 111 -11.61 13.64 7.00
N ARG D 112 -11.59 12.50 7.73
CA ARG D 112 -12.27 11.25 7.40
C ARG D 112 -13.62 11.02 8.09
N LEU D 113 -13.86 11.69 9.23
CA LEU D 113 -15.08 11.51 10.02
C LEU D 113 -16.18 12.52 9.69
N ASP D 114 -17.34 11.99 9.26
CA ASP D 114 -18.52 12.79 8.91
C ASP D 114 -19.56 12.75 10.04
N ALA D 115 -20.65 13.53 9.89
CA ALA D 115 -21.76 13.66 10.84
C ALA D 115 -22.44 12.33 11.20
N SER D 116 -22.48 11.37 10.25
CA SER D 116 -23.06 10.04 10.47
C SER D 116 -22.24 9.25 11.50
N ARG D 117 -20.89 9.29 11.37
CA ARG D 117 -19.96 8.60 12.28
C ARG D 117 -20.00 9.20 13.68
N LEU D 118 -20.16 10.55 13.78
CA LEU D 118 -20.27 11.30 15.04
C LEU D 118 -21.58 10.93 15.77
N LEU D 119 -22.66 10.62 15.01
CA LEU D 119 -23.94 10.18 15.55
C LEU D 119 -23.83 8.74 16.05
N LEU D 120 -23.02 7.91 15.36
CA LEU D 120 -22.80 6.52 15.73
C LEU D 120 -22.14 6.44 17.10
N TYR D 121 -21.07 7.26 17.32
CA TYR D 121 -20.37 7.32 18.60
C TYR D 121 -21.34 7.79 19.67
N SER D 122 -22.06 8.90 19.38
CA SER D 122 -23.08 9.49 20.28
C SER D 122 -24.05 8.42 20.79
N SER D 123 -24.59 7.59 19.87
CA SER D 123 -25.50 6.48 20.14
C SER D 123 -24.86 5.42 21.04
N GLN D 124 -23.61 5.03 20.73
CA GLN D 124 -22.86 4.01 21.48
C GLN D 124 -22.56 4.45 22.92
N ILE D 125 -22.09 5.70 23.10
CA ILE D 125 -21.79 6.29 24.40
C ILE D 125 -23.09 6.37 25.22
N CYS D 126 -24.21 6.69 24.56
CA CYS D 126 -25.53 6.74 25.17
C CYS D 126 -26.00 5.38 25.66
N LYS D 127 -25.83 4.32 24.84
CA LYS D 127 -26.20 2.94 25.19
C LYS D 127 -25.42 2.47 26.43
N GLY D 128 -24.10 2.73 26.44
CA GLY D 128 -23.20 2.38 27.55
C GLY D 128 -23.56 3.12 28.81
N MET D 129 -23.89 4.42 28.66
CA MET D 129 -24.31 5.34 29.71
C MET D 129 -25.64 4.90 30.30
N GLU D 130 -26.52 4.35 29.45
CA GLU D 130 -27.83 3.83 29.85
C GLU D 130 -27.65 2.58 30.72
N TYR D 131 -26.76 1.64 30.30
CA TYR D 131 -26.47 0.40 31.04
C TYR D 131 -25.93 0.76 32.42
N LEU D 132 -24.95 1.68 32.45
CA LEU D 132 -24.29 2.24 33.64
C LEU D 132 -25.35 2.73 34.64
N GLY D 133 -26.35 3.47 34.15
CA GLY D 133 -27.46 3.99 34.96
C GLY D 133 -28.35 2.91 35.55
N SER D 134 -28.63 1.85 34.78
CA SER D 134 -29.44 0.70 35.22
C SER D 134 -28.74 -0.06 36.35
N ARG D 135 -27.40 -0.01 36.36
CA ARG D 135 -26.56 -0.66 37.38
C ARG D 135 -26.36 0.30 38.59
N ARG D 136 -27.13 1.42 38.60
CA ARG D 136 -27.16 2.48 39.62
C ARG D 136 -25.78 3.09 39.87
N CYS D 137 -25.04 3.26 38.79
CA CYS D 137 -23.68 3.77 38.77
C CYS D 137 -23.59 5.15 38.11
N VAL D 138 -22.77 6.04 38.69
CA VAL D 138 -22.50 7.38 38.16
C VAL D 138 -21.01 7.45 37.78
N HIS D 139 -20.72 7.79 36.51
CA HIS D 139 -19.35 7.89 35.98
C HIS D 139 -18.52 9.03 36.58
N ARG D 140 -19.12 10.25 36.69
CA ARG D 140 -18.57 11.51 37.23
C ARG D 140 -17.55 12.22 36.31
N ASP D 141 -16.92 11.49 35.36
CA ASP D 141 -15.90 12.08 34.47
C ASP D 141 -16.09 11.66 33.02
N LEU D 142 -17.28 11.94 32.48
CA LEU D 142 -17.68 11.60 31.12
C LEU D 142 -17.20 12.69 30.19
N ALA D 143 -16.12 12.40 29.45
CA ALA D 143 -15.47 13.31 28.51
C ALA D 143 -14.89 12.52 27.34
N ALA D 144 -14.65 13.17 26.19
CA ALA D 144 -14.08 12.52 25.00
C ALA D 144 -12.68 11.90 25.22
N ARG D 145 -11.93 12.42 26.20
CA ARG D 145 -10.61 11.89 26.57
C ARG D 145 -10.74 10.53 27.31
N ASN D 146 -11.91 10.29 27.94
CA ASN D 146 -12.22 9.08 28.70
C ASN D 146 -13.01 8.05 27.89
N ILE D 147 -13.25 8.32 26.61
CA ILE D 147 -13.89 7.36 25.72
C ILE D 147 -12.74 6.75 24.90
N LEU D 148 -12.71 5.42 24.77
CA LEU D 148 -11.67 4.73 24.01
C LEU D 148 -12.23 4.23 22.67
N VAL D 149 -11.34 4.12 21.66
CA VAL D 149 -11.70 3.67 20.32
C VAL D 149 -11.28 2.21 20.09
N GLU D 150 -12.23 1.37 19.67
CA GLU D 150 -11.95 -0.02 19.32
C GLU D 150 -11.62 -0.03 17.82
N SER D 151 -12.46 0.65 17.03
CA SER D 151 -12.32 0.80 15.58
C SER D 151 -13.10 2.05 15.15
N GLU D 152 -12.99 2.47 13.87
CA GLU D 152 -13.69 3.63 13.30
C GLU D 152 -15.22 3.53 13.51
N ALA D 153 -15.72 2.30 13.73
CA ALA D 153 -17.15 2.04 13.95
C ALA D 153 -17.51 1.56 15.38
N HIS D 154 -16.58 1.68 16.36
CA HIS D 154 -16.84 1.23 17.73
C HIS D 154 -16.08 2.03 18.77
N VAL D 155 -16.82 2.51 19.79
CA VAL D 155 -16.29 3.25 20.94
C VAL D 155 -16.75 2.59 22.25
N LYS D 156 -15.94 2.73 23.33
CA LYS D 156 -16.20 2.18 24.66
C LYS D 156 -15.86 3.21 25.75
N ILE D 157 -16.75 3.33 26.77
CA ILE D 157 -16.57 4.23 27.92
C ILE D 157 -15.55 3.61 28.85
N ALA D 158 -14.50 4.38 29.19
CA ALA D 158 -13.42 3.93 30.08
C ALA D 158 -13.25 4.87 31.29
N ASP D 159 -12.17 4.67 32.07
CA ASP D 159 -11.78 5.40 33.29
C ASP D 159 -12.97 5.59 34.26
N PHE D 160 -13.22 4.54 35.06
CA PHE D 160 -14.25 4.52 36.09
C PHE D 160 -13.59 4.78 37.47
N GLY D 161 -12.43 5.47 37.44
CA GLY D 161 -11.67 5.81 38.64
C GLY D 161 -12.35 6.81 39.56
N LEU D 162 -13.23 7.66 38.99
CA LEU D 162 -14.03 8.69 39.68
C LEU D 162 -15.47 8.21 39.86
N ALA D 163 -15.81 7.05 39.25
CA ALA D 163 -17.15 6.45 39.30
C ALA D 163 -17.63 6.13 40.71
N LYS D 164 -18.89 6.50 41.01
CA LYS D 164 -19.53 6.28 42.30
C LYS D 164 -20.85 5.58 42.14
N LEU D 165 -21.07 4.54 42.94
CA LEU D 165 -22.31 3.80 42.96
C LEU D 165 -23.31 4.57 43.83
N LEU D 166 -24.57 4.66 43.36
CA LEU D 166 -25.62 5.41 44.06
C LEU D 166 -25.93 4.84 45.45
N PRO D 167 -25.96 5.75 46.46
CA PRO D 167 -26.27 5.29 47.82
C PRO D 167 -27.69 4.77 47.81
N LEU D 168 -27.83 3.52 48.19
CA LEU D 168 -29.05 2.73 48.19
C LEU D 168 -30.34 3.54 48.41
N ASP D 169 -30.45 4.28 49.51
CA ASP D 169 -31.65 5.05 49.83
C ASP D 169 -31.80 6.39 49.07
N LYS D 170 -30.94 6.68 48.07
CA LYS D 170 -30.98 7.93 47.29
C LYS D 170 -30.61 7.77 45.80
N ASP D 171 -30.98 8.77 44.96
CA ASP D 171 -30.64 8.76 43.53
C ASP D 171 -29.54 9.80 43.21
N VAL D 174 -23.21 12.84 47.11
CA VAL D 174 -22.54 14.11 47.44
C VAL D 174 -21.03 13.88 47.61
N VAL D 175 -20.21 14.57 46.80
CA VAL D 175 -18.74 14.45 46.82
C VAL D 175 -18.10 15.45 47.81
N ARG D 176 -16.85 15.16 48.24
CA ARG D 176 -16.08 15.97 49.18
C ARG D 176 -14.78 16.52 48.57
N PRO D 182 -11.43 19.75 35.98
CA PRO D 182 -12.30 19.58 34.80
C PRO D 182 -13.76 19.92 35.10
N ILE D 183 -13.97 21.13 35.67
CA ILE D 183 -15.28 21.66 36.08
C ILE D 183 -16.19 22.08 34.89
N PHE D 184 -15.66 22.05 33.65
CA PHE D 184 -16.39 22.46 32.44
C PHE D 184 -17.38 21.42 31.92
N TRP D 185 -17.29 20.18 32.42
CA TRP D 185 -18.17 19.07 32.07
C TRP D 185 -19.20 18.86 33.19
N TYR D 186 -18.99 19.52 34.35
CA TYR D 186 -19.80 19.39 35.56
C TYR D 186 -21.08 20.23 35.53
N ALA D 187 -22.22 19.58 35.88
CA ALA D 187 -23.57 20.14 35.95
C ALA D 187 -23.66 21.24 37.05
N PRO D 188 -24.65 22.17 37.04
CA PRO D 188 -24.68 23.21 38.08
C PRO D 188 -24.80 22.68 39.51
N GLU D 189 -25.61 21.61 39.73
CA GLU D 189 -25.83 20.98 41.05
C GLU D 189 -24.57 20.32 41.64
N SER D 190 -23.54 20.10 40.79
CA SER D 190 -22.25 19.50 41.14
C SER D 190 -21.25 20.56 41.60
N LEU D 191 -21.36 21.78 41.06
CA LEU D 191 -20.45 22.89 41.38
C LEU D 191 -20.90 23.62 42.68
N SER D 192 -22.23 23.71 42.88
CA SER D 192 -22.83 24.38 44.03
C SER D 192 -22.94 23.52 45.29
N ASP D 193 -23.34 22.25 45.14
CA ASP D 193 -23.54 21.35 46.27
C ASP D 193 -22.78 20.02 46.19
N ASN D 194 -21.93 19.84 45.14
CA ASN D 194 -21.14 18.63 44.85
C ASN D 194 -22.00 17.37 44.73
N ILE D 195 -23.21 17.54 44.17
CA ILE D 195 -24.17 16.47 43.94
C ILE D 195 -23.90 15.87 42.57
N PHE D 196 -23.91 14.54 42.51
CA PHE D 196 -23.72 13.78 41.30
C PHE D 196 -24.83 12.73 41.18
N SER D 197 -25.53 12.72 40.04
CA SER D 197 -26.63 11.80 39.77
C SER D 197 -26.49 11.24 38.35
N ARG D 198 -27.46 10.40 37.93
CA ARG D 198 -27.53 9.86 36.58
C ARG D 198 -27.86 11.03 35.65
N GLN D 199 -28.57 12.03 36.20
CA GLN D 199 -29.01 13.26 35.54
C GLN D 199 -27.85 14.25 35.32
N SER D 200 -26.83 14.23 36.21
CA SER D 200 -25.64 15.08 36.07
C SER D 200 -24.73 14.48 34.99
N ASP D 201 -24.76 13.13 34.80
CA ASP D 201 -24.03 12.40 33.77
C ASP D 201 -24.61 12.78 32.41
N VAL D 202 -25.94 13.06 32.35
CA VAL D 202 -26.67 13.52 31.15
C VAL D 202 -26.13 14.89 30.72
N TRP D 203 -25.91 15.82 31.70
CA TRP D 203 -25.33 17.14 31.46
C TRP D 203 -23.96 16.97 30.77
N SER D 204 -23.08 16.11 31.35
CA SER D 204 -21.74 15.78 30.83
C SER D 204 -21.83 15.19 29.44
N PHE D 205 -22.88 14.39 29.15
CA PHE D 205 -23.11 13.79 27.83
C PHE D 205 -23.36 14.87 26.78
N GLY D 206 -24.12 15.91 27.16
CA GLY D 206 -24.39 17.08 26.32
C GLY D 206 -23.12 17.78 25.92
N VAL D 207 -22.15 17.87 26.88
CA VAL D 207 -20.79 18.42 26.69
C VAL D 207 -19.96 17.48 25.76
N VAL D 208 -20.12 16.14 25.90
CA VAL D 208 -19.46 15.10 25.10
C VAL D 208 -19.96 15.22 23.65
N LEU D 209 -21.27 15.52 23.49
CA LEU D 209 -21.95 15.71 22.21
C LEU D 209 -21.37 16.92 21.50
N TYR D 210 -21.07 17.99 22.28
CA TYR D 210 -20.43 19.22 21.79
C TYR D 210 -18.99 18.88 21.34
N GLU D 211 -18.25 18.09 22.16
CA GLU D 211 -16.87 17.65 21.88
C GLU D 211 -16.76 16.90 20.55
N LEU D 212 -17.74 16.02 20.27
CA LEU D 212 -17.80 15.23 19.06
C LEU D 212 -18.01 16.09 17.80
N PHE D 213 -19.02 16.98 17.81
CA PHE D 213 -19.37 17.80 16.67
C PHE D 213 -18.43 19.02 16.47
N THR D 214 -17.37 19.12 17.29
CA THR D 214 -16.30 20.14 17.17
C THR D 214 -15.01 19.42 16.79
N TYR D 215 -15.03 18.05 16.84
CA TYR D 215 -13.92 17.12 16.58
C TYR D 215 -12.79 17.39 17.58
N CYS D 216 -13.18 17.67 18.84
CA CYS D 216 -12.30 17.98 19.98
C CYS D 216 -11.24 19.06 19.66
N ASP D 217 -11.66 20.14 18.93
CA ASP D 217 -10.79 21.25 18.54
C ASP D 217 -10.43 22.07 19.79
N LYS D 218 -9.12 22.24 20.02
CA LYS D 218 -8.50 22.96 21.14
C LYS D 218 -8.98 24.41 21.24
N SER D 219 -9.10 25.09 20.07
CA SER D 219 -9.52 26.49 19.95
C SER D 219 -10.93 26.74 20.45
N CYS D 220 -11.87 25.80 20.16
CA CYS D 220 -13.27 25.88 20.58
C CYS D 220 -13.67 24.72 21.50
N SER D 221 -12.76 24.32 22.42
CA SER D 221 -13.01 23.25 23.39
C SER D 221 -13.92 23.78 24.54
N PRO D 222 -14.60 22.93 25.35
CA PRO D 222 -15.43 23.46 26.46
C PRO D 222 -14.66 24.36 27.41
N SER D 223 -13.36 24.06 27.64
CA SER D 223 -12.48 24.87 28.47
C SER D 223 -12.25 26.27 27.88
N ALA D 224 -11.83 26.33 26.59
CA ALA D 224 -11.56 27.58 25.86
C ALA D 224 -12.79 28.48 25.71
N GLU D 225 -13.96 27.91 25.37
CA GLU D 225 -15.21 28.65 25.18
C GLU D 225 -15.76 29.24 26.47
N PHE D 226 -15.74 28.47 27.59
CA PHE D 226 -16.22 28.93 28.89
C PHE D 226 -15.33 30.01 29.51
N LEU D 227 -13.99 29.89 29.34
CA LEU D 227 -13.02 30.88 29.83
C LEU D 227 -13.17 32.20 29.06
N ARG D 228 -13.60 32.12 27.78
CA ARG D 228 -13.87 33.26 26.89
C ARG D 228 -15.18 33.95 27.37
N MET D 229 -16.17 33.13 27.79
CA MET D 229 -17.47 33.60 28.28
C MET D 229 -17.36 34.24 29.68
N MET D 230 -16.30 33.88 30.45
CA MET D 230 -16.05 34.40 31.80
C MET D 230 -15.18 35.65 31.73
N ALA D 238 -13.48 31.51 39.74
CA ALA D 238 -13.28 30.47 38.71
C ALA D 238 -14.43 29.44 38.69
N LEU D 239 -14.79 28.91 39.87
CA LEU D 239 -15.87 27.95 40.10
C LEU D 239 -17.16 28.74 40.19
N CYS D 240 -17.11 29.91 40.87
CA CYS D 240 -18.25 30.79 41.10
C CYS D 240 -18.72 31.53 39.83
N ARG D 241 -17.78 32.03 38.99
CA ARG D 241 -18.13 32.74 37.75
C ARG D 241 -18.68 31.77 36.68
N LEU D 242 -18.34 30.46 36.75
CA LEU D 242 -18.87 29.45 35.83
C LEU D 242 -20.33 29.15 36.18
N LEU D 243 -20.63 28.98 37.49
CA LEU D 243 -21.97 28.72 38.02
C LEU D 243 -22.91 29.87 37.72
N GLU D 244 -22.36 31.10 37.77
CA GLU D 244 -23.04 32.36 37.50
C GLU D 244 -23.58 32.36 36.07
N LEU D 245 -22.74 31.92 35.10
CA LEU D 245 -23.09 31.82 33.67
C LEU D 245 -24.22 30.82 33.44
N LEU D 246 -24.04 29.58 33.96
CA LEU D 246 -25.00 28.49 33.84
C LEU D 246 -26.36 28.84 34.45
N GLU D 247 -26.36 29.63 35.55
CA GLU D 247 -27.57 30.12 36.22
C GLU D 247 -28.25 31.20 35.35
N GLU D 248 -27.44 32.03 34.64
CA GLU D 248 -27.89 33.09 33.75
C GLU D 248 -28.45 32.56 32.42
N GLY D 249 -28.23 31.27 32.16
CA GLY D 249 -28.71 30.59 30.94
C GLY D 249 -27.66 30.47 29.87
N GLN D 250 -26.42 30.90 30.17
CA GLN D 250 -25.28 30.85 29.26
C GLN D 250 -24.85 29.41 29.04
N ARG D 251 -24.78 28.99 27.77
CA ARG D 251 -24.40 27.64 27.36
C ARG D 251 -23.36 27.68 26.25
N LEU D 252 -22.75 26.52 25.92
CA LEU D 252 -21.78 26.41 24.84
C LEU D 252 -22.48 26.68 23.48
N PRO D 253 -21.82 27.39 22.53
CA PRO D 253 -22.47 27.68 21.25
C PRO D 253 -22.67 26.43 20.38
N ALA D 254 -23.63 26.46 19.45
CA ALA D 254 -23.89 25.35 18.54
C ALA D 254 -22.66 25.12 17.66
N PRO D 255 -21.98 23.94 17.76
CA PRO D 255 -20.78 23.71 16.93
C PRO D 255 -21.00 23.95 15.44
N PRO D 256 -19.98 24.46 14.69
CA PRO D 256 -20.20 24.70 13.26
C PRO D 256 -20.60 23.45 12.48
N ALA D 257 -21.58 23.62 11.56
CA ALA D 257 -22.18 22.58 10.70
C ALA D 257 -22.85 21.41 11.47
N CYS D 258 -23.10 21.60 12.79
CA CYS D 258 -23.75 20.61 13.64
C CYS D 258 -25.24 20.51 13.28
N PRO D 259 -25.77 19.28 13.04
CA PRO D 259 -27.20 19.14 12.71
C PRO D 259 -28.09 19.71 13.81
N ALA D 260 -29.06 20.56 13.41
CA ALA D 260 -29.99 21.27 14.29
C ALA D 260 -30.56 20.42 15.43
N GLU D 261 -31.07 19.22 15.11
CA GLU D 261 -31.68 18.28 16.04
C GLU D 261 -30.73 17.82 17.13
N VAL D 262 -29.43 17.68 16.80
CA VAL D 262 -28.38 17.28 17.75
C VAL D 262 -28.17 18.42 18.75
N HIS D 263 -28.08 19.68 18.26
CA HIS D 263 -27.94 20.85 19.12
C HIS D 263 -29.13 21.01 20.06
N GLU D 264 -30.36 20.68 19.60
CA GLU D 264 -31.58 20.75 20.41
C GLU D 264 -31.54 19.73 21.58
N LEU D 265 -30.89 18.56 21.36
CA LEU D 265 -30.71 17.53 22.37
C LEU D 265 -29.67 17.98 23.38
N MET D 266 -28.60 18.68 22.91
CA MET D 266 -27.53 19.23 23.76
C MET D 266 -28.15 20.23 24.73
N LYS D 267 -29.03 21.13 24.22
CA LYS D 267 -29.74 22.15 24.99
C LYS D 267 -30.61 21.53 26.08
N LEU D 268 -31.26 20.40 25.77
CA LEU D 268 -32.11 19.67 26.72
C LEU D 268 -31.30 18.96 27.79
N CYS D 269 -30.08 18.50 27.44
CA CYS D 269 -29.10 17.86 28.32
C CYS D 269 -28.57 18.89 29.31
N TRP D 270 -28.61 20.16 28.91
CA TRP D 270 -28.16 21.32 29.67
C TRP D 270 -29.31 22.10 30.35
N ALA D 271 -30.42 21.42 30.67
CA ALA D 271 -31.55 22.03 31.36
C ALA D 271 -31.10 22.36 32.78
N PRO D 272 -31.45 23.54 33.35
CA PRO D 272 -30.96 23.89 34.70
C PRO D 272 -31.36 22.87 35.78
N SER D 273 -32.58 22.31 35.70
CA SER D 273 -33.07 21.31 36.67
C SER D 273 -32.82 19.86 36.21
N PRO D 274 -32.16 19.03 37.06
CA PRO D 274 -31.89 17.61 36.69
C PRO D 274 -33.13 16.79 36.32
N GLN D 275 -34.28 17.08 36.96
CA GLN D 275 -35.57 16.41 36.70
C GLN D 275 -36.13 16.75 35.30
N ASP D 276 -35.65 17.86 34.69
CA ASP D 276 -36.04 18.35 33.36
C ASP D 276 -35.09 17.85 32.25
N ARG D 277 -34.00 17.16 32.61
CA ARG D 277 -33.02 16.62 31.66
C ARG D 277 -33.51 15.27 31.13
N PRO D 278 -33.30 14.94 29.83
CA PRO D 278 -33.79 13.64 29.34
C PRO D 278 -32.96 12.49 29.88
N SER D 279 -33.53 11.29 29.95
CA SER D 279 -32.77 10.13 30.39
C SER D 279 -31.95 9.60 29.20
N PHE D 280 -30.99 8.69 29.47
CA PHE D 280 -30.23 8.06 28.40
C PHE D 280 -31.14 7.13 27.62
N SER D 281 -32.18 6.60 28.29
CA SER D 281 -33.23 5.74 27.72
C SER D 281 -34.08 6.52 26.71
N ALA D 282 -34.23 7.84 26.90
CA ALA D 282 -34.98 8.71 26.02
C ALA D 282 -34.09 9.25 24.89
N LEU D 283 -32.81 9.55 25.20
CA LEU D 283 -31.84 10.07 24.22
C LEU D 283 -31.46 9.03 23.17
N GLY D 284 -31.20 7.80 23.64
CA GLY D 284 -30.84 6.65 22.83
C GLY D 284 -31.57 6.58 21.51
N PRO D 285 -32.91 6.29 21.53
CA PRO D 285 -33.67 6.23 20.27
C PRO D 285 -33.69 7.51 19.44
N GLN D 286 -33.62 8.69 20.08
CA GLN D 286 -33.61 9.97 19.37
C GLN D 286 -32.37 10.16 18.50
N LEU D 287 -31.22 9.62 18.95
CA LEU D 287 -29.94 9.68 18.24
C LEU D 287 -29.89 8.60 17.17
N ASP D 288 -30.41 7.39 17.52
CA ASP D 288 -30.49 6.22 16.65
C ASP D 288 -31.34 6.51 15.41
N MET D 289 -32.43 7.24 15.58
CA MET D 289 -33.33 7.59 14.49
C MET D 289 -32.77 8.73 13.64
N LEU D 290 -31.91 9.57 14.24
CA LEU D 290 -31.20 10.67 13.57
C LEU D 290 -30.14 10.12 12.61
N TRP D 291 -29.42 9.06 13.05
CA TRP D 291 -28.39 8.36 12.27
C TRP D 291 -29.01 7.72 11.01
N SER D 292 -30.23 7.15 11.17
CA SER D 292 -30.98 6.53 10.09
C SER D 292 -31.37 7.58 9.03
N GLY D 293 -31.56 8.82 9.48
CA GLY D 293 -31.88 9.97 8.63
C GLY D 293 -30.67 10.47 7.85
N SER D 294 -29.45 10.24 8.39
CA SER D 294 -28.16 10.61 7.78
C SER D 294 -27.84 9.75 6.55
N ARG D 295 -28.27 8.46 6.58
CA ARG D 295 -28.08 7.42 5.56
C ARG D 295 -26.61 6.97 5.44
#